data_1D91
# 
_entry.id   1D91 
# 
_audit_conform.dict_name       mmcif_pdbx.dic 
_audit_conform.dict_version    5.385 
_audit_conform.dict_location   http://mmcif.pdb.org/dictionaries/ascii/mmcif_pdbx.dic 
# 
loop_
_database_2.database_id 
_database_2.database_code 
_database_2.pdbx_database_accession 
_database_2.pdbx_DOI 
PDB   1D91         pdb_00001d91 10.2210/pdb1d91/pdb 
RCSB  ADH018       ?            ?                   
WWPDB D_1000172688 ?            ?                   
# 
loop_
_pdbx_audit_revision_history.ordinal 
_pdbx_audit_revision_history.data_content_type 
_pdbx_audit_revision_history.major_revision 
_pdbx_audit_revision_history.minor_revision 
_pdbx_audit_revision_history.revision_date 
1 'Structure model' 1 0 1993-07-15 
2 'Structure model' 1 1 2008-05-22 
3 'Structure model' 1 2 2011-07-13 
4 'Structure model' 1 3 2024-02-07 
# 
_pdbx_audit_revision_details.ordinal             1 
_pdbx_audit_revision_details.revision_ordinal    1 
_pdbx_audit_revision_details.data_content_type   'Structure model' 
_pdbx_audit_revision_details.provider            repository 
_pdbx_audit_revision_details.type                'Initial release' 
_pdbx_audit_revision_details.description         ? 
_pdbx_audit_revision_details.details             ? 
# 
loop_
_pdbx_audit_revision_group.ordinal 
_pdbx_audit_revision_group.revision_ordinal 
_pdbx_audit_revision_group.data_content_type 
_pdbx_audit_revision_group.group 
1 2 'Structure model' 'Version format compliance' 
2 3 'Structure model' 'Version format compliance' 
3 4 'Structure model' 'Data collection'           
4 4 'Structure model' 'Database references'       
# 
loop_
_pdbx_audit_revision_category.ordinal 
_pdbx_audit_revision_category.revision_ordinal 
_pdbx_audit_revision_category.data_content_type 
_pdbx_audit_revision_category.category 
1 4 'Structure model' chem_comp_atom 
2 4 'Structure model' chem_comp_bond 
3 4 'Structure model' database_2     
# 
loop_
_pdbx_audit_revision_item.ordinal 
_pdbx_audit_revision_item.revision_ordinal 
_pdbx_audit_revision_item.data_content_type 
_pdbx_audit_revision_item.item 
1 4 'Structure model' '_database_2.pdbx_DOI'                
2 4 'Structure model' '_database_2.pdbx_database_accession' 
# 
_pdbx_database_status.status_code                     REL 
_pdbx_database_status.entry_id                        1D91 
_pdbx_database_status.recvd_initial_deposition_date   1992-10-17 
_pdbx_database_status.deposit_site                    BNL 
_pdbx_database_status.process_site                    NDB 
_pdbx_database_status.SG_entry                        . 
_pdbx_database_status.pdb_format_compatible           Y 
_pdbx_database_status.status_code_mr                  ? 
_pdbx_database_status.status_code_sf                  ? 
_pdbx_database_status.status_code_cs                  ? 
_pdbx_database_status.status_code_nmr_data            ? 
_pdbx_database_status.methods_development_category    ? 
# 
loop_
_audit_author.name 
_audit_author.pdbx_ordinal 
'Kneale, G.'     1 
'Brown, T.'      2 
'Kennard, O.'    3 
'Rabinovich, D.' 4 
# 
_citation.id                        primary 
_citation.title                     'G . T base-pairs in a DNA helix: the crystal structure of d(G-G-G-G-T-C-C-C).' 
_citation.journal_abbrev            J.Mol.Biol. 
_citation.journal_volume            186 
_citation.page_first                805 
_citation.page_last                 814 
_citation.year                      1985 
_citation.journal_id_ASTM           JMOBAK 
_citation.country                   UK 
_citation.journal_id_ISSN           0022-2836 
_citation.journal_id_CSD            0070 
_citation.book_publisher            ? 
_citation.pdbx_database_id_PubMed   4093986 
_citation.pdbx_database_id_DOI      '10.1016/0022-2836(85)90398-5' 
# 
loop_
_citation_author.citation_id 
_citation_author.name 
_citation_author.ordinal 
_citation_author.identifier_ORCID 
primary 'Kneale, G.'     1 ? 
primary 'Brown, T.'      2 ? 
primary 'Kennard, O.'    3 ? 
primary 'Rabinovich, D.' 4 ? 
# 
loop_
_entity.id 
_entity.type 
_entity.src_method 
_entity.pdbx_description 
_entity.formula_weight 
_entity.pdbx_number_of_molecules 
_entity.pdbx_ec 
_entity.pdbx_mutation 
_entity.pdbx_fragment 
_entity.details 
1 polymer syn 
;DNA (5'-D(*GP*GP*GP*GP*TP*CP*CP*C)-3')
;
2443.604 2   ? ? ? ? 
2 water   nat water                                    18.015   104 ? ? ? ? 
# 
_entity_poly.entity_id                      1 
_entity_poly.type                           polydeoxyribonucleotide 
_entity_poly.nstd_linkage                   no 
_entity_poly.nstd_monomer                   no 
_entity_poly.pdbx_seq_one_letter_code       '(DG)(DG)(DG)(DG)(DT)(DC)(DC)(DC)' 
_entity_poly.pdbx_seq_one_letter_code_can   GGGGTCCC 
_entity_poly.pdbx_strand_id                 A,B 
_entity_poly.pdbx_target_identifier         ? 
# 
_pdbx_entity_nonpoly.entity_id   2 
_pdbx_entity_nonpoly.name        water 
_pdbx_entity_nonpoly.comp_id     HOH 
# 
loop_
_entity_poly_seq.entity_id 
_entity_poly_seq.num 
_entity_poly_seq.mon_id 
_entity_poly_seq.hetero 
1 1 DG n 
1 2 DG n 
1 3 DG n 
1 4 DG n 
1 5 DT n 
1 6 DC n 
1 7 DC n 
1 8 DC n 
# 
loop_
_chem_comp.id 
_chem_comp.type 
_chem_comp.mon_nstd_flag 
_chem_comp.name 
_chem_comp.pdbx_synonyms 
_chem_comp.formula 
_chem_comp.formula_weight 
DC  'DNA linking' y "2'-DEOXYCYTIDINE-5'-MONOPHOSPHATE"  ? 'C9 H14 N3 O7 P'  307.197 
DG  'DNA linking' y "2'-DEOXYGUANOSINE-5'-MONOPHOSPHATE" ? 'C10 H14 N5 O7 P' 347.221 
DT  'DNA linking' y "THYMIDINE-5'-MONOPHOSPHATE"         ? 'C10 H15 N2 O8 P' 322.208 
HOH non-polymer   . WATER                                ? 'H2 O'            18.015  
# 
loop_
_pdbx_poly_seq_scheme.asym_id 
_pdbx_poly_seq_scheme.entity_id 
_pdbx_poly_seq_scheme.seq_id 
_pdbx_poly_seq_scheme.mon_id 
_pdbx_poly_seq_scheme.ndb_seq_num 
_pdbx_poly_seq_scheme.pdb_seq_num 
_pdbx_poly_seq_scheme.auth_seq_num 
_pdbx_poly_seq_scheme.pdb_mon_id 
_pdbx_poly_seq_scheme.auth_mon_id 
_pdbx_poly_seq_scheme.pdb_strand_id 
_pdbx_poly_seq_scheme.pdb_ins_code 
_pdbx_poly_seq_scheme.hetero 
A 1 1 DG 1 1  1  DG G A . n 
A 1 2 DG 2 2  2  DG G A . n 
A 1 3 DG 3 3  3  DG G A . n 
A 1 4 DG 4 4  4  DG G A . n 
A 1 5 DT 5 5  5  DT T A . n 
A 1 6 DC 6 6  6  DC C A . n 
A 1 7 DC 7 7  7  DC C A . n 
A 1 8 DC 8 8  8  DC C A . n 
B 1 1 DG 1 9  9  DG G B . n 
B 1 2 DG 2 10 10 DG G B . n 
B 1 3 DG 3 11 11 DG G B . n 
B 1 4 DG 4 12 12 DG G B . n 
B 1 5 DT 5 13 13 DT T B . n 
B 1 6 DC 6 14 14 DC C B . n 
B 1 7 DC 7 15 15 DC C B . n 
B 1 8 DC 8 16 16 DC C B . n 
# 
loop_
_pdbx_nonpoly_scheme.asym_id 
_pdbx_nonpoly_scheme.entity_id 
_pdbx_nonpoly_scheme.mon_id 
_pdbx_nonpoly_scheme.ndb_seq_num 
_pdbx_nonpoly_scheme.pdb_seq_num 
_pdbx_nonpoly_scheme.auth_seq_num 
_pdbx_nonpoly_scheme.pdb_mon_id 
_pdbx_nonpoly_scheme.auth_mon_id 
_pdbx_nonpoly_scheme.pdb_strand_id 
_pdbx_nonpoly_scheme.pdb_ins_code 
C 2 HOH 1  19  19  HOH HOH A . 
C 2 HOH 2  21  21  HOH HOH A . 
C 2 HOH 3  23  23  HOH HOH A . 
C 2 HOH 4  24  24  HOH HOH A . 
C 2 HOH 5  29  29  HOH HOH A . 
C 2 HOH 6  31  31  HOH HOH A . 
C 2 HOH 7  34  34  HOH HOH A . 
C 2 HOH 8  35  35  HOH HOH A . 
C 2 HOH 9  36  36  HOH HOH A . 
C 2 HOH 10 39  39  HOH HOH A . 
C 2 HOH 11 40  40  HOH HOH A . 
C 2 HOH 12 41  41  HOH HOH A . 
C 2 HOH 13 42  42  HOH HOH A . 
C 2 HOH 14 44  44  HOH HOH A . 
C 2 HOH 15 45  45  HOH HOH A . 
C 2 HOH 16 48  48  HOH HOH A . 
C 2 HOH 17 49  49  HOH HOH A . 
C 2 HOH 18 50  50  HOH HOH A . 
C 2 HOH 19 51  51  HOH HOH A . 
C 2 HOH 20 52  52  HOH HOH A . 
C 2 HOH 21 56  56  HOH HOH A . 
C 2 HOH 22 58  58  HOH HOH A . 
C 2 HOH 23 62  62  HOH HOH A . 
C 2 HOH 24 63  63  HOH HOH A . 
C 2 HOH 25 66  66  HOH HOH A . 
C 2 HOH 26 70  70  HOH HOH A . 
C 2 HOH 27 73  73  HOH HOH A . 
C 2 HOH 28 74  74  HOH HOH A . 
C 2 HOH 29 75  75  HOH HOH A . 
C 2 HOH 30 76  76  HOH HOH A . 
C 2 HOH 31 79  79  HOH HOH A . 
C 2 HOH 32 83  83  HOH HOH A . 
C 2 HOH 33 84  84  HOH HOH A . 
C 2 HOH 34 85  85  HOH HOH A . 
C 2 HOH 35 86  86  HOH HOH A . 
C 2 HOH 36 87  87  HOH HOH A . 
C 2 HOH 37 88  88  HOH HOH A . 
C 2 HOH 38 89  89  HOH HOH A . 
C 2 HOH 39 90  90  HOH HOH A . 
C 2 HOH 40 97  97  HOH HOH A . 
C 2 HOH 41 99  99  HOH HOH A . 
C 2 HOH 42 101 101 HOH HOH A . 
C 2 HOH 43 105 105 HOH HOH A . 
C 2 HOH 44 106 106 HOH HOH A . 
C 2 HOH 45 108 108 HOH HOH A . 
C 2 HOH 46 109 109 HOH HOH A . 
C 2 HOH 47 111 111 HOH HOH A . 
C 2 HOH 48 113 113 HOH HOH A . 
C 2 HOH 49 115 115 HOH HOH A . 
C 2 HOH 50 116 116 HOH HOH A . 
C 2 HOH 51 120 120 HOH HOH A . 
D 2 HOH 1  17  17  HOH HOH B . 
D 2 HOH 2  18  18  HOH HOH B . 
D 2 HOH 3  20  20  HOH HOH B . 
D 2 HOH 4  22  22  HOH HOH B . 
D 2 HOH 5  25  25  HOH HOH B . 
D 2 HOH 6  26  26  HOH HOH B . 
D 2 HOH 7  27  27  HOH HOH B . 
D 2 HOH 8  28  28  HOH HOH B . 
D 2 HOH 9  30  30  HOH HOH B . 
D 2 HOH 10 32  32  HOH HOH B . 
D 2 HOH 11 33  33  HOH HOH B . 
D 2 HOH 12 37  37  HOH HOH B . 
D 2 HOH 13 38  38  HOH HOH B . 
D 2 HOH 14 43  43  HOH HOH B . 
D 2 HOH 15 46  46  HOH HOH B . 
D 2 HOH 16 47  47  HOH HOH B . 
D 2 HOH 17 53  53  HOH HOH B . 
D 2 HOH 18 54  54  HOH HOH B . 
D 2 HOH 19 55  55  HOH HOH B . 
D 2 HOH 20 57  57  HOH HOH B . 
D 2 HOH 21 59  59  HOH HOH B . 
D 2 HOH 22 60  60  HOH HOH B . 
D 2 HOH 23 61  61  HOH HOH B . 
D 2 HOH 24 64  64  HOH HOH B . 
D 2 HOH 25 65  65  HOH HOH B . 
D 2 HOH 26 67  67  HOH HOH B . 
D 2 HOH 27 68  68  HOH HOH B . 
D 2 HOH 28 69  69  HOH HOH B . 
D 2 HOH 29 71  71  HOH HOH B . 
D 2 HOH 30 72  72  HOH HOH B . 
D 2 HOH 31 77  77  HOH HOH B . 
D 2 HOH 32 78  78  HOH HOH B . 
D 2 HOH 33 80  80  HOH HOH B . 
D 2 HOH 34 81  81  HOH HOH B . 
D 2 HOH 35 82  82  HOH HOH B . 
D 2 HOH 36 91  91  HOH HOH B . 
D 2 HOH 37 92  92  HOH HOH B . 
D 2 HOH 38 93  93  HOH HOH B . 
D 2 HOH 39 94  94  HOH HOH B . 
D 2 HOH 40 95  95  HOH HOH B . 
D 2 HOH 41 96  96  HOH HOH B . 
D 2 HOH 42 98  98  HOH HOH B . 
D 2 HOH 43 100 100 HOH HOH B . 
D 2 HOH 44 102 102 HOH HOH B . 
D 2 HOH 45 103 103 HOH HOH B . 
D 2 HOH 46 104 104 HOH HOH B . 
D 2 HOH 47 107 107 HOH HOH B . 
D 2 HOH 48 110 110 HOH HOH B . 
D 2 HOH 49 112 112 HOH HOH B . 
D 2 HOH 50 114 114 HOH HOH B . 
D 2 HOH 51 117 117 HOH HOH B . 
D 2 HOH 52 118 118 HOH HOH B . 
D 2 HOH 53 119 119 HOH HOH B . 
# 
_software.name             NUCLSQ 
_software.classification   refinement 
_software.version          . 
_software.citation_id      ? 
_software.pdbx_ordinal     1 
# 
_cell.entry_id           1D91 
_cell.length_a           44.710 
_cell.length_b           44.710 
_cell.length_c           42.400 
_cell.angle_alpha        90.00 
_cell.angle_beta         90.00 
_cell.angle_gamma        120.00 
_cell.Z_PDB              12 
_cell.pdbx_unique_axis   ? 
# 
_symmetry.entry_id                         1D91 
_symmetry.space_group_name_H-M             'P 61' 
_symmetry.pdbx_full_space_group_name_H-M   ? 
_symmetry.cell_setting                     ? 
_symmetry.Int_Tables_number                169 
# 
_exptl.entry_id          1D91 
_exptl.method            'X-RAY DIFFRACTION' 
_exptl.crystals_number   ? 
# 
_exptl_crystal.id                    1 
_exptl_crystal.density_meas          ? 
_exptl_crystal.density_Matthews      2.50 
_exptl_crystal.density_percent_sol   50.86 
_exptl_crystal.description           ? 
# 
_exptl_crystal_grow.crystal_id      1 
_exptl_crystal_grow.method          'VAPOR DIFFUSION' 
_exptl_crystal_grow.temp            277.00 
_exptl_crystal_grow.temp_details    ? 
_exptl_crystal_grow.pH              6.50 
_exptl_crystal_grow.pdbx_details    'pH 6.50, VAPOR DIFFUSION, temperature 277.00K' 
_exptl_crystal_grow.pdbx_pH_range   ? 
# 
loop_
_exptl_crystal_grow_comp.crystal_id 
_exptl_crystal_grow_comp.id 
_exptl_crystal_grow_comp.sol_id 
_exptl_crystal_grow_comp.name 
_exptl_crystal_grow_comp.volume 
_exptl_crystal_grow_comp.conc 
_exptl_crystal_grow_comp.details 
1 1 1 WATER           ? ? ? 
1 2 1 MGCL2           ? ? ? 
1 3 1 'NA CACODYLATE' ? ? ? 
1 4 2 WATER           ? ? ? 
# 
_diffrn.id                     1 
_diffrn.ambient_temp           275.00 
_diffrn.ambient_temp_details   ? 
_diffrn.crystal_id             1 
# 
_diffrn_detector.diffrn_id              1 
_diffrn_detector.detector               DIFFRACTOMETER 
_diffrn_detector.type                   'SYNTEX P21' 
_diffrn_detector.pdbx_collection_date   ? 
_diffrn_detector.details                ? 
# 
_diffrn_radiation.diffrn_id                        1 
_diffrn_radiation.wavelength_id                    1 
_diffrn_radiation.pdbx_monochromatic_or_laue_m_l   ? 
_diffrn_radiation.monochromator                    ? 
_diffrn_radiation.pdbx_diffrn_protocol             ? 
_diffrn_radiation.pdbx_scattering_type             x-ray 
# 
_diffrn_radiation_wavelength.id           1 
_diffrn_radiation_wavelength.wavelength   . 
_diffrn_radiation_wavelength.wt           1.0 
# 
_diffrn_source.diffrn_id                   1 
_diffrn_source.source                      ? 
_diffrn_source.type                        ? 
_diffrn_source.pdbx_synchrotron_site       ? 
_diffrn_source.pdbx_synchrotron_beamline   ? 
_diffrn_source.pdbx_wavelength             ? 
_diffrn_source.pdbx_wavelength_list        ? 
# 
_reflns.entry_id                     1D91 
_reflns.observed_criterion_sigma_I   ? 
_reflns.observed_criterion_sigma_F   ? 
_reflns.d_resolution_low             ? 
_reflns.d_resolution_high            2.100 
_reflns.number_obs                   2898 
_reflns.number_all                   ? 
_reflns.percent_possible_obs         ? 
_reflns.pdbx_Rmerge_I_obs            ? 
_reflns.pdbx_Rsym_value              ? 
_reflns.pdbx_netI_over_sigmaI        ? 
_reflns.B_iso_Wilson_estimate        ? 
_reflns.pdbx_redundancy              ? 
_reflns.pdbx_diffrn_id               1 
_reflns.pdbx_ordinal                 1 
# 
_refine.entry_id                                 1D91 
_refine.ls_number_reflns_obs                     2486 
_refine.ls_number_reflns_all                     ? 
_refine.pdbx_ls_sigma_I                          ? 
_refine.pdbx_ls_sigma_F                          2.000 
_refine.pdbx_data_cutoff_high_absF               ? 
_refine.pdbx_data_cutoff_low_absF                ? 
_refine.pdbx_data_cutoff_high_rms_absF           ? 
_refine.ls_d_res_low                             8.000 
_refine.ls_d_res_high                            2.100 
_refine.ls_percent_reflns_obs                    ? 
_refine.ls_R_factor_obs                          0.1450000 
_refine.ls_R_factor_all                          ? 
_refine.ls_R_factor_R_work                       ? 
_refine.ls_R_factor_R_free                       ? 
_refine.ls_R_factor_R_free_error                 ? 
_refine.ls_R_factor_R_free_error_details         ? 
_refine.ls_percent_reflns_R_free                 ? 
_refine.ls_number_reflns_R_free                  ? 
_refine.ls_number_parameters                     ? 
_refine.ls_number_restraints                     ? 
_refine.occupancy_min                            ? 
_refine.occupancy_max                            ? 
_refine.B_iso_mean                               ? 
_refine.aniso_B[1][1]                            ? 
_refine.aniso_B[2][2]                            ? 
_refine.aniso_B[3][3]                            ? 
_refine.aniso_B[1][2]                            ? 
_refine.aniso_B[1][3]                            ? 
_refine.aniso_B[2][3]                            ? 
_refine.solvent_model_details                    ? 
_refine.solvent_model_param_ksol                 ? 
_refine.solvent_model_param_bsol                 ? 
_refine.pdbx_ls_cross_valid_method               ? 
_refine.details                                  ? 
_refine.pdbx_starting_model                      ? 
_refine.pdbx_method_to_determine_struct          ? 
_refine.pdbx_isotropic_thermal_model             ? 
_refine.pdbx_stereochemistry_target_values       ? 
_refine.pdbx_stereochem_target_val_spec_case     ? 
_refine.pdbx_R_Free_selection_details            ? 
_refine.pdbx_overall_ESU_R                       ? 
_refine.pdbx_overall_ESU_R_Free                  ? 
_refine.overall_SU_ML                            ? 
_refine.overall_SU_B                             ? 
_refine.pdbx_refine_id                           'X-RAY DIFFRACTION' 
_refine.pdbx_diffrn_id                           1 
_refine.pdbx_TLS_residual_ADP_flag               ? 
_refine.correlation_coeff_Fo_to_Fc               ? 
_refine.correlation_coeff_Fo_to_Fc_free          ? 
_refine.pdbx_solvent_vdw_probe_radii             ? 
_refine.pdbx_solvent_ion_probe_radii             ? 
_refine.pdbx_solvent_shrinkage_radii             ? 
_refine.pdbx_overall_phase_error                 ? 
_refine.overall_SU_R_Cruickshank_DPI             ? 
_refine.pdbx_overall_SU_R_free_Cruickshank_DPI   ? 
_refine.pdbx_overall_SU_R_Blow_DPI               ? 
_refine.pdbx_overall_SU_R_free_Blow_DPI          ? 
# 
_refine_hist.pdbx_refine_id                   'X-RAY DIFFRACTION' 
_refine_hist.cycle_id                         LAST 
_refine_hist.pdbx_number_atoms_protein        0 
_refine_hist.pdbx_number_atoms_nucleic_acid   324 
_refine_hist.pdbx_number_atoms_ligand         0 
_refine_hist.number_atoms_solvent             104 
_refine_hist.number_atoms_total               428 
_refine_hist.d_res_high                       2.100 
_refine_hist.d_res_low                        8.000 
# 
_struct.entry_id                  1D91 
_struct.title                     'G.T BASE PAIRS IN A DNA HELIX. THE CRYSTAL STRUCTURE OF D(G-G-G-G-T-C-C-C)' 
_struct.pdbx_model_details        ? 
_struct.pdbx_CASP_flag            ? 
_struct.pdbx_model_type_details   ? 
# 
_struct_keywords.entry_id        1D91 
_struct_keywords.pdbx_keywords   DNA 
_struct_keywords.text            'A-DNA, DOUBLE HELIX, MISMATCHED, DNA' 
# 
loop_
_struct_asym.id 
_struct_asym.pdbx_blank_PDB_chainid_flag 
_struct_asym.pdbx_modified 
_struct_asym.entity_id 
_struct_asym.details 
A N N 1 ? 
B N N 1 ? 
C N N 2 ? 
D N N 2 ? 
# 
_struct_ref.id                         1 
_struct_ref.entity_id                  1 
_struct_ref.db_name                    PDB 
_struct_ref.db_code                    1D91 
_struct_ref.pdbx_db_accession          1D91 
_struct_ref.pdbx_db_isoform            ? 
_struct_ref.pdbx_seq_one_letter_code   ? 
_struct_ref.pdbx_align_begin           ? 
# 
loop_
_struct_ref_seq.align_id 
_struct_ref_seq.ref_id 
_struct_ref_seq.pdbx_PDB_id_code 
_struct_ref_seq.pdbx_strand_id 
_struct_ref_seq.seq_align_beg 
_struct_ref_seq.pdbx_seq_align_beg_ins_code 
_struct_ref_seq.seq_align_end 
_struct_ref_seq.pdbx_seq_align_end_ins_code 
_struct_ref_seq.pdbx_db_accession 
_struct_ref_seq.db_align_beg 
_struct_ref_seq.pdbx_db_align_beg_ins_code 
_struct_ref_seq.db_align_end 
_struct_ref_seq.pdbx_db_align_end_ins_code 
_struct_ref_seq.pdbx_auth_seq_align_beg 
_struct_ref_seq.pdbx_auth_seq_align_end 
1 1 1D91 A 1 ? 8 ? 1D91 1 ? 8  ? 1 8  
2 1 1D91 B 1 ? 8 ? 1D91 9 ? 16 ? 9 16 
# 
_pdbx_struct_assembly.id                   1 
_pdbx_struct_assembly.details              author_defined_assembly 
_pdbx_struct_assembly.method_details       ? 
_pdbx_struct_assembly.oligomeric_details   dimeric 
_pdbx_struct_assembly.oligomeric_count     2 
# 
_pdbx_struct_assembly_gen.assembly_id       1 
_pdbx_struct_assembly_gen.oper_expression   1 
_pdbx_struct_assembly_gen.asym_id_list      A,B,C,D 
# 
_pdbx_struct_oper_list.id                   1 
_pdbx_struct_oper_list.type                 'identity operation' 
_pdbx_struct_oper_list.name                 1_555 
_pdbx_struct_oper_list.symmetry_operation   x,y,z 
_pdbx_struct_oper_list.matrix[1][1]         1.0000000000 
_pdbx_struct_oper_list.matrix[1][2]         0.0000000000 
_pdbx_struct_oper_list.matrix[1][3]         0.0000000000 
_pdbx_struct_oper_list.vector[1]            0.0000000000 
_pdbx_struct_oper_list.matrix[2][1]         0.0000000000 
_pdbx_struct_oper_list.matrix[2][2]         1.0000000000 
_pdbx_struct_oper_list.matrix[2][3]         0.0000000000 
_pdbx_struct_oper_list.vector[2]            0.0000000000 
_pdbx_struct_oper_list.matrix[3][1]         0.0000000000 
_pdbx_struct_oper_list.matrix[3][2]         0.0000000000 
_pdbx_struct_oper_list.matrix[3][3]         1.0000000000 
_pdbx_struct_oper_list.vector[3]            0.0000000000 
# 
_struct_biol.id   1 
# 
loop_
_struct_conn.id 
_struct_conn.conn_type_id 
_struct_conn.pdbx_leaving_atom_flag 
_struct_conn.pdbx_PDB_id 
_struct_conn.ptnr1_label_asym_id 
_struct_conn.ptnr1_label_comp_id 
_struct_conn.ptnr1_label_seq_id 
_struct_conn.ptnr1_label_atom_id 
_struct_conn.pdbx_ptnr1_label_alt_id 
_struct_conn.pdbx_ptnr1_PDB_ins_code 
_struct_conn.pdbx_ptnr1_standard_comp_id 
_struct_conn.ptnr1_symmetry 
_struct_conn.ptnr2_label_asym_id 
_struct_conn.ptnr2_label_comp_id 
_struct_conn.ptnr2_label_seq_id 
_struct_conn.ptnr2_label_atom_id 
_struct_conn.pdbx_ptnr2_label_alt_id 
_struct_conn.pdbx_ptnr2_PDB_ins_code 
_struct_conn.ptnr1_auth_asym_id 
_struct_conn.ptnr1_auth_comp_id 
_struct_conn.ptnr1_auth_seq_id 
_struct_conn.ptnr2_auth_asym_id 
_struct_conn.ptnr2_auth_comp_id 
_struct_conn.ptnr2_auth_seq_id 
_struct_conn.ptnr2_symmetry 
_struct_conn.pdbx_ptnr3_label_atom_id 
_struct_conn.pdbx_ptnr3_label_seq_id 
_struct_conn.pdbx_ptnr3_label_comp_id 
_struct_conn.pdbx_ptnr3_label_asym_id 
_struct_conn.pdbx_ptnr3_label_alt_id 
_struct_conn.pdbx_ptnr3_PDB_ins_code 
_struct_conn.details 
_struct_conn.pdbx_dist_value 
_struct_conn.pdbx_value_order 
_struct_conn.pdbx_role 
hydrog1  hydrog ? ? A DG 1 N1 ? ? ? 1_555 B DC 8 N3 ? ? A DG 1 B DC 16 1_555 ? ? ? ? ? ? WATSON-CRICK ? ? ? 
hydrog2  hydrog ? ? A DG 1 N2 ? ? ? 1_555 B DC 8 O2 ? ? A DG 1 B DC 16 1_555 ? ? ? ? ? ? WATSON-CRICK ? ? ? 
hydrog3  hydrog ? ? A DG 1 O6 ? ? ? 1_555 B DC 8 N4 ? ? A DG 1 B DC 16 1_555 ? ? ? ? ? ? WATSON-CRICK ? ? ? 
hydrog4  hydrog ? ? A DG 2 N1 ? ? ? 1_555 B DC 7 N3 ? ? A DG 2 B DC 15 1_555 ? ? ? ? ? ? WATSON-CRICK ? ? ? 
hydrog5  hydrog ? ? A DG 2 N2 ? ? ? 1_555 B DC 7 O2 ? ? A DG 2 B DC 15 1_555 ? ? ? ? ? ? WATSON-CRICK ? ? ? 
hydrog6  hydrog ? ? A DG 2 O6 ? ? ? 1_555 B DC 7 N4 ? ? A DG 2 B DC 15 1_555 ? ? ? ? ? ? WATSON-CRICK ? ? ? 
hydrog7  hydrog ? ? A DG 3 N1 ? ? ? 1_555 B DC 6 N3 ? ? A DG 3 B DC 14 1_555 ? ? ? ? ? ? WATSON-CRICK ? ? ? 
hydrog8  hydrog ? ? A DG 3 N2 ? ? ? 1_555 B DC 6 O2 ? ? A DG 3 B DC 14 1_555 ? ? ? ? ? ? WATSON-CRICK ? ? ? 
hydrog9  hydrog ? ? A DG 3 O6 ? ? ? 1_555 B DC 6 N4 ? ? A DG 3 B DC 14 1_555 ? ? ? ? ? ? WATSON-CRICK ? ? ? 
hydrog10 hydrog ? ? A DG 4 N1 ? ? ? 1_555 B DT 5 O2 ? ? A DG 4 B DT 13 1_555 ? ? ? ? ? ? TYPE_28_PAIR ? ? ? 
hydrog11 hydrog ? ? A DG 4 O6 ? ? ? 1_555 B DT 5 N3 ? ? A DG 4 B DT 13 1_555 ? ? ? ? ? ? TYPE_28_PAIR ? ? ? 
hydrog12 hydrog ? ? A DT 5 N3 ? ? ? 1_555 B DG 4 O6 ? ? A DT 5 B DG 12 1_555 ? ? ? ? ? ? TYPE_28_PAIR ? ? ? 
hydrog13 hydrog ? ? A DT 5 O2 ? ? ? 1_555 B DG 4 N1 ? ? A DT 5 B DG 12 1_555 ? ? ? ? ? ? TYPE_28_PAIR ? ? ? 
hydrog14 hydrog ? ? A DC 6 N3 ? ? ? 1_555 B DG 3 N1 ? ? A DC 6 B DG 11 1_555 ? ? ? ? ? ? WATSON-CRICK ? ? ? 
hydrog15 hydrog ? ? A DC 6 N4 ? ? ? 1_555 B DG 3 O6 ? ? A DC 6 B DG 11 1_555 ? ? ? ? ? ? WATSON-CRICK ? ? ? 
hydrog16 hydrog ? ? A DC 6 O2 ? ? ? 1_555 B DG 3 N2 ? ? A DC 6 B DG 11 1_555 ? ? ? ? ? ? WATSON-CRICK ? ? ? 
hydrog17 hydrog ? ? A DC 7 N3 ? ? ? 1_555 B DG 2 N1 ? ? A DC 7 B DG 10 1_555 ? ? ? ? ? ? WATSON-CRICK ? ? ? 
hydrog18 hydrog ? ? A DC 7 N4 ? ? ? 1_555 B DG 2 O6 ? ? A DC 7 B DG 10 1_555 ? ? ? ? ? ? WATSON-CRICK ? ? ? 
hydrog19 hydrog ? ? A DC 7 O2 ? ? ? 1_555 B DG 2 N2 ? ? A DC 7 B DG 10 1_555 ? ? ? ? ? ? WATSON-CRICK ? ? ? 
hydrog20 hydrog ? ? A DC 8 N3 ? ? ? 1_555 B DG 1 N1 ? ? A DC 8 B DG 9  1_555 ? ? ? ? ? ? WATSON-CRICK ? ? ? 
hydrog21 hydrog ? ? A DC 8 N4 ? ? ? 1_555 B DG 1 O6 ? ? A DC 8 B DG 9  1_555 ? ? ? ? ? ? WATSON-CRICK ? ? ? 
hydrog22 hydrog ? ? A DC 8 O2 ? ? ? 1_555 B DG 1 N2 ? ? A DC 8 B DG 9  1_555 ? ? ? ? ? ? WATSON-CRICK ? ? ? 
# 
_struct_conn_type.id          hydrog 
_struct_conn_type.criteria    ? 
_struct_conn_type.reference   ? 
# 
_pdbx_validate_close_contact.id               1 
_pdbx_validate_close_contact.PDB_model_num    1 
_pdbx_validate_close_contact.auth_atom_id_1   OP2 
_pdbx_validate_close_contact.auth_asym_id_1   A 
_pdbx_validate_close_contact.auth_comp_id_1   DG 
_pdbx_validate_close_contact.auth_seq_id_1    3 
_pdbx_validate_close_contact.PDB_ins_code_1   ? 
_pdbx_validate_close_contact.label_alt_id_1   ? 
_pdbx_validate_close_contact.auth_atom_id_2   O 
_pdbx_validate_close_contact.auth_asym_id_2   A 
_pdbx_validate_close_contact.auth_comp_id_2   HOH 
_pdbx_validate_close_contact.auth_seq_id_2    51 
_pdbx_validate_close_contact.PDB_ins_code_2   ? 
_pdbx_validate_close_contact.label_alt_id_2   ? 
_pdbx_validate_close_contact.dist             2.13 
# 
loop_
_pdbx_validate_symm_contact.id 
_pdbx_validate_symm_contact.PDB_model_num 
_pdbx_validate_symm_contact.auth_atom_id_1 
_pdbx_validate_symm_contact.auth_asym_id_1 
_pdbx_validate_symm_contact.auth_comp_id_1 
_pdbx_validate_symm_contact.auth_seq_id_1 
_pdbx_validate_symm_contact.PDB_ins_code_1 
_pdbx_validate_symm_contact.label_alt_id_1 
_pdbx_validate_symm_contact.site_symmetry_1 
_pdbx_validate_symm_contact.auth_atom_id_2 
_pdbx_validate_symm_contact.auth_asym_id_2 
_pdbx_validate_symm_contact.auth_comp_id_2 
_pdbx_validate_symm_contact.auth_seq_id_2 
_pdbx_validate_symm_contact.PDB_ins_code_2 
_pdbx_validate_symm_contact.label_alt_id_2 
_pdbx_validate_symm_contact.site_symmetry_2 
_pdbx_validate_symm_contact.dist 
1 1 O B HOH 55 ? ? 1_555 O B HOH 64  ? ? 2_655 1.99 
2 1 O A HOH 70 ? ? 1_555 O B HOH 22  ? ? 5_564 2.13 
3 1 O B HOH 38 ? ? 1_555 O B HOH 117 ? ? 3_664 2.15 
# 
_pdbx_validate_rmsd_bond.id                        1 
_pdbx_validate_rmsd_bond.PDB_model_num             1 
_pdbx_validate_rmsd_bond.auth_atom_id_1            N7 
_pdbx_validate_rmsd_bond.auth_asym_id_1            A 
_pdbx_validate_rmsd_bond.auth_comp_id_1            DG 
_pdbx_validate_rmsd_bond.auth_seq_id_1             4 
_pdbx_validate_rmsd_bond.PDB_ins_code_1            ? 
_pdbx_validate_rmsd_bond.label_alt_id_1            ? 
_pdbx_validate_rmsd_bond.auth_atom_id_2            C8 
_pdbx_validate_rmsd_bond.auth_asym_id_2            A 
_pdbx_validate_rmsd_bond.auth_comp_id_2            DG 
_pdbx_validate_rmsd_bond.auth_seq_id_2             4 
_pdbx_validate_rmsd_bond.PDB_ins_code_2            ? 
_pdbx_validate_rmsd_bond.label_alt_id_2            ? 
_pdbx_validate_rmsd_bond.bond_value                1.268 
_pdbx_validate_rmsd_bond.bond_target_value         1.305 
_pdbx_validate_rmsd_bond.bond_deviation            -0.037 
_pdbx_validate_rmsd_bond.bond_standard_deviation   0.006 
_pdbx_validate_rmsd_bond.linker_flag               N 
# 
loop_
_pdbx_validate_rmsd_angle.id 
_pdbx_validate_rmsd_angle.PDB_model_num 
_pdbx_validate_rmsd_angle.auth_atom_id_1 
_pdbx_validate_rmsd_angle.auth_asym_id_1 
_pdbx_validate_rmsd_angle.auth_comp_id_1 
_pdbx_validate_rmsd_angle.auth_seq_id_1 
_pdbx_validate_rmsd_angle.PDB_ins_code_1 
_pdbx_validate_rmsd_angle.label_alt_id_1 
_pdbx_validate_rmsd_angle.auth_atom_id_2 
_pdbx_validate_rmsd_angle.auth_asym_id_2 
_pdbx_validate_rmsd_angle.auth_comp_id_2 
_pdbx_validate_rmsd_angle.auth_seq_id_2 
_pdbx_validate_rmsd_angle.PDB_ins_code_2 
_pdbx_validate_rmsd_angle.label_alt_id_2 
_pdbx_validate_rmsd_angle.auth_atom_id_3 
_pdbx_validate_rmsd_angle.auth_asym_id_3 
_pdbx_validate_rmsd_angle.auth_comp_id_3 
_pdbx_validate_rmsd_angle.auth_seq_id_3 
_pdbx_validate_rmsd_angle.PDB_ins_code_3 
_pdbx_validate_rmsd_angle.label_alt_id_3 
_pdbx_validate_rmsd_angle.angle_value 
_pdbx_validate_rmsd_angle.angle_target_value 
_pdbx_validate_rmsd_angle.angle_deviation 
_pdbx_validate_rmsd_angle.angle_standard_deviation 
_pdbx_validate_rmsd_angle.linker_flag 
1  1 "O4'" A DG 1  ? ? "C1'" A DG 1  ? ? N9    A DG 1  ? ? 111.36 108.30 3.06  0.30 N 
2  1 "O4'" A DG 2  ? ? "C1'" A DG 2  ? ? N9    A DG 2  ? ? 114.98 108.30 6.68  0.30 N 
3  1 "O4'" A DG 3  ? ? "C1'" A DG 3  ? ? N9    A DG 3  ? ? 112.05 108.30 3.75  0.30 N 
4  1 "C3'" A DG 4  ? ? "C2'" A DG 4  ? ? "C1'" A DG 4  ? ? 96.71  102.40 -5.69 0.80 N 
5  1 "C3'" A DT 5  ? ? "C2'" A DT 5  ? ? "C1'" A DT 5  ? ? 97.01  102.40 -5.39 0.80 N 
6  1 "O4'" A DT 5  ? ? "C1'" A DT 5  ? ? N1    A DT 5  ? ? 115.21 108.30 6.91  0.30 N 
7  1 "O4'" A DC 6  ? ? "C1'" A DC 6  ? ? N1    A DC 6  ? ? 116.66 108.30 8.36  0.30 N 
8  1 "O4'" A DC 7  ? ? "C1'" A DC 7  ? ? N1    A DC 7  ? ? 115.38 108.30 7.08  0.30 N 
9  1 "O4'" A DC 8  ? ? "C1'" A DC 8  ? ? N1    A DC 8  ? ? 115.05 108.30 6.75  0.30 N 
10 1 "O4'" B DG 9  ? ? "C1'" B DG 9  ? ? N9    B DG 9  ? ? 111.63 108.30 3.33  0.30 N 
11 1 "O4'" B DG 10 ? ? "C1'" B DG 10 ? ? N9    B DG 10 ? ? 110.56 108.30 2.26  0.30 N 
12 1 "O4'" B DG 11 ? ? "C1'" B DG 11 ? ? N9    B DG 11 ? ? 112.02 108.30 3.72  0.30 N 
13 1 "O4'" B DT 13 ? ? "C1'" B DT 13 ? ? N1    B DT 13 ? ? 115.31 108.30 7.01  0.30 N 
14 1 "C3'" B DT 13 ? ? "O3'" B DT 13 ? ? P     B DC 14 ? ? 127.37 119.70 7.67  1.20 Y 
15 1 "O4'" B DC 14 ? ? "C1'" B DC 14 ? ? N1    B DC 14 ? ? 115.80 108.30 7.50  0.30 N 
16 1 "O4'" B DC 15 ? ? "C1'" B DC 15 ? ? N1    B DC 15 ? ? 115.89 108.30 7.59  0.30 N 
17 1 "O4'" B DC 16 ? ? "C1'" B DC 16 ? ? N1    B DC 16 ? ? 117.89 108.30 9.59  0.30 N 
# 
loop_
_refine_B_iso.class 
_refine_B_iso.details 
_refine_B_iso.treatment 
_refine_B_iso.pdbx_refine_id 
'ALL ATOMS'  TR isotropic 'X-RAY DIFFRACTION' 
'ALL WATERS' TR isotropic 'X-RAY DIFFRACTION' 
# 
loop_
_refine_occupancy.class 
_refine_occupancy.treatment 
_refine_occupancy.pdbx_refine_id 
'ALL ATOMS'  fix 'X-RAY DIFFRACTION' 
'ALL WATERS' fix 'X-RAY DIFFRACTION' 
# 
loop_
_chem_comp_atom.comp_id 
_chem_comp_atom.atom_id 
_chem_comp_atom.type_symbol 
_chem_comp_atom.pdbx_aromatic_flag 
_chem_comp_atom.pdbx_stereo_config 
_chem_comp_atom.pdbx_ordinal 
DC  OP3    O N N 1   
DC  P      P N N 2   
DC  OP1    O N N 3   
DC  OP2    O N N 4   
DC  "O5'"  O N N 5   
DC  "C5'"  C N N 6   
DC  "C4'"  C N R 7   
DC  "O4'"  O N N 8   
DC  "C3'"  C N S 9   
DC  "O3'"  O N N 10  
DC  "C2'"  C N N 11  
DC  "C1'"  C N R 12  
DC  N1     N N N 13  
DC  C2     C N N 14  
DC  O2     O N N 15  
DC  N3     N N N 16  
DC  C4     C N N 17  
DC  N4     N N N 18  
DC  C5     C N N 19  
DC  C6     C N N 20  
DC  HOP3   H N N 21  
DC  HOP2   H N N 22  
DC  "H5'"  H N N 23  
DC  "H5''" H N N 24  
DC  "H4'"  H N N 25  
DC  "H3'"  H N N 26  
DC  "HO3'" H N N 27  
DC  "H2'"  H N N 28  
DC  "H2''" H N N 29  
DC  "H1'"  H N N 30  
DC  H41    H N N 31  
DC  H42    H N N 32  
DC  H5     H N N 33  
DC  H6     H N N 34  
DG  OP3    O N N 35  
DG  P      P N N 36  
DG  OP1    O N N 37  
DG  OP2    O N N 38  
DG  "O5'"  O N N 39  
DG  "C5'"  C N N 40  
DG  "C4'"  C N R 41  
DG  "O4'"  O N N 42  
DG  "C3'"  C N S 43  
DG  "O3'"  O N N 44  
DG  "C2'"  C N N 45  
DG  "C1'"  C N R 46  
DG  N9     N Y N 47  
DG  C8     C Y N 48  
DG  N7     N Y N 49  
DG  C5     C Y N 50  
DG  C6     C N N 51  
DG  O6     O N N 52  
DG  N1     N N N 53  
DG  C2     C N N 54  
DG  N2     N N N 55  
DG  N3     N N N 56  
DG  C4     C Y N 57  
DG  HOP3   H N N 58  
DG  HOP2   H N N 59  
DG  "H5'"  H N N 60  
DG  "H5''" H N N 61  
DG  "H4'"  H N N 62  
DG  "H3'"  H N N 63  
DG  "HO3'" H N N 64  
DG  "H2'"  H N N 65  
DG  "H2''" H N N 66  
DG  "H1'"  H N N 67  
DG  H8     H N N 68  
DG  H1     H N N 69  
DG  H21    H N N 70  
DG  H22    H N N 71  
DT  OP3    O N N 72  
DT  P      P N N 73  
DT  OP1    O N N 74  
DT  OP2    O N N 75  
DT  "O5'"  O N N 76  
DT  "C5'"  C N N 77  
DT  "C4'"  C N R 78  
DT  "O4'"  O N N 79  
DT  "C3'"  C N S 80  
DT  "O3'"  O N N 81  
DT  "C2'"  C N N 82  
DT  "C1'"  C N R 83  
DT  N1     N N N 84  
DT  C2     C N N 85  
DT  O2     O N N 86  
DT  N3     N N N 87  
DT  C4     C N N 88  
DT  O4     O N N 89  
DT  C5     C N N 90  
DT  C7     C N N 91  
DT  C6     C N N 92  
DT  HOP3   H N N 93  
DT  HOP2   H N N 94  
DT  "H5'"  H N N 95  
DT  "H5''" H N N 96  
DT  "H4'"  H N N 97  
DT  "H3'"  H N N 98  
DT  "HO3'" H N N 99  
DT  "H2'"  H N N 100 
DT  "H2''" H N N 101 
DT  "H1'"  H N N 102 
DT  H3     H N N 103 
DT  H71    H N N 104 
DT  H72    H N N 105 
DT  H73    H N N 106 
DT  H6     H N N 107 
HOH O      O N N 108 
HOH H1     H N N 109 
HOH H2     H N N 110 
# 
loop_
_chem_comp_bond.comp_id 
_chem_comp_bond.atom_id_1 
_chem_comp_bond.atom_id_2 
_chem_comp_bond.value_order 
_chem_comp_bond.pdbx_aromatic_flag 
_chem_comp_bond.pdbx_stereo_config 
_chem_comp_bond.pdbx_ordinal 
DC  OP3   P      sing N N 1   
DC  OP3   HOP3   sing N N 2   
DC  P     OP1    doub N N 3   
DC  P     OP2    sing N N 4   
DC  P     "O5'"  sing N N 5   
DC  OP2   HOP2   sing N N 6   
DC  "O5'" "C5'"  sing N N 7   
DC  "C5'" "C4'"  sing N N 8   
DC  "C5'" "H5'"  sing N N 9   
DC  "C5'" "H5''" sing N N 10  
DC  "C4'" "O4'"  sing N N 11  
DC  "C4'" "C3'"  sing N N 12  
DC  "C4'" "H4'"  sing N N 13  
DC  "O4'" "C1'"  sing N N 14  
DC  "C3'" "O3'"  sing N N 15  
DC  "C3'" "C2'"  sing N N 16  
DC  "C3'" "H3'"  sing N N 17  
DC  "O3'" "HO3'" sing N N 18  
DC  "C2'" "C1'"  sing N N 19  
DC  "C2'" "H2'"  sing N N 20  
DC  "C2'" "H2''" sing N N 21  
DC  "C1'" N1     sing N N 22  
DC  "C1'" "H1'"  sing N N 23  
DC  N1    C2     sing N N 24  
DC  N1    C6     sing N N 25  
DC  C2    O2     doub N N 26  
DC  C2    N3     sing N N 27  
DC  N3    C4     doub N N 28  
DC  C4    N4     sing N N 29  
DC  C4    C5     sing N N 30  
DC  N4    H41    sing N N 31  
DC  N4    H42    sing N N 32  
DC  C5    C6     doub N N 33  
DC  C5    H5     sing N N 34  
DC  C6    H6     sing N N 35  
DG  OP3   P      sing N N 36  
DG  OP3   HOP3   sing N N 37  
DG  P     OP1    doub N N 38  
DG  P     OP2    sing N N 39  
DG  P     "O5'"  sing N N 40  
DG  OP2   HOP2   sing N N 41  
DG  "O5'" "C5'"  sing N N 42  
DG  "C5'" "C4'"  sing N N 43  
DG  "C5'" "H5'"  sing N N 44  
DG  "C5'" "H5''" sing N N 45  
DG  "C4'" "O4'"  sing N N 46  
DG  "C4'" "C3'"  sing N N 47  
DG  "C4'" "H4'"  sing N N 48  
DG  "O4'" "C1'"  sing N N 49  
DG  "C3'" "O3'"  sing N N 50  
DG  "C3'" "C2'"  sing N N 51  
DG  "C3'" "H3'"  sing N N 52  
DG  "O3'" "HO3'" sing N N 53  
DG  "C2'" "C1'"  sing N N 54  
DG  "C2'" "H2'"  sing N N 55  
DG  "C2'" "H2''" sing N N 56  
DG  "C1'" N9     sing N N 57  
DG  "C1'" "H1'"  sing N N 58  
DG  N9    C8     sing Y N 59  
DG  N9    C4     sing Y N 60  
DG  C8    N7     doub Y N 61  
DG  C8    H8     sing N N 62  
DG  N7    C5     sing Y N 63  
DG  C5    C6     sing N N 64  
DG  C5    C4     doub Y N 65  
DG  C6    O6     doub N N 66  
DG  C6    N1     sing N N 67  
DG  N1    C2     sing N N 68  
DG  N1    H1     sing N N 69  
DG  C2    N2     sing N N 70  
DG  C2    N3     doub N N 71  
DG  N2    H21    sing N N 72  
DG  N2    H22    sing N N 73  
DG  N3    C4     sing N N 74  
DT  OP3   P      sing N N 75  
DT  OP3   HOP3   sing N N 76  
DT  P     OP1    doub N N 77  
DT  P     OP2    sing N N 78  
DT  P     "O5'"  sing N N 79  
DT  OP2   HOP2   sing N N 80  
DT  "O5'" "C5'"  sing N N 81  
DT  "C5'" "C4'"  sing N N 82  
DT  "C5'" "H5'"  sing N N 83  
DT  "C5'" "H5''" sing N N 84  
DT  "C4'" "O4'"  sing N N 85  
DT  "C4'" "C3'"  sing N N 86  
DT  "C4'" "H4'"  sing N N 87  
DT  "O4'" "C1'"  sing N N 88  
DT  "C3'" "O3'"  sing N N 89  
DT  "C3'" "C2'"  sing N N 90  
DT  "C3'" "H3'"  sing N N 91  
DT  "O3'" "HO3'" sing N N 92  
DT  "C2'" "C1'"  sing N N 93  
DT  "C2'" "H2'"  sing N N 94  
DT  "C2'" "H2''" sing N N 95  
DT  "C1'" N1     sing N N 96  
DT  "C1'" "H1'"  sing N N 97  
DT  N1    C2     sing N N 98  
DT  N1    C6     sing N N 99  
DT  C2    O2     doub N N 100 
DT  C2    N3     sing N N 101 
DT  N3    C4     sing N N 102 
DT  N3    H3     sing N N 103 
DT  C4    O4     doub N N 104 
DT  C4    C5     sing N N 105 
DT  C5    C7     sing N N 106 
DT  C5    C6     doub N N 107 
DT  C7    H71    sing N N 108 
DT  C7    H72    sing N N 109 
DT  C7    H73    sing N N 110 
DT  C6    H6     sing N N 111 
HOH O     H1     sing N N 112 
HOH O     H2     sing N N 113 
# 
loop_
_ndb_struct_conf_na.entry_id 
_ndb_struct_conf_na.feature 
1D91 'a-form double helix'  
1D91 'mismatched base pair' 
# 
loop_
_ndb_struct_na_base_pair.model_number 
_ndb_struct_na_base_pair.i_label_asym_id 
_ndb_struct_na_base_pair.i_label_comp_id 
_ndb_struct_na_base_pair.i_label_seq_id 
_ndb_struct_na_base_pair.i_symmetry 
_ndb_struct_na_base_pair.j_label_asym_id 
_ndb_struct_na_base_pair.j_label_comp_id 
_ndb_struct_na_base_pair.j_label_seq_id 
_ndb_struct_na_base_pair.j_symmetry 
_ndb_struct_na_base_pair.shear 
_ndb_struct_na_base_pair.stretch 
_ndb_struct_na_base_pair.stagger 
_ndb_struct_na_base_pair.buckle 
_ndb_struct_na_base_pair.propeller 
_ndb_struct_na_base_pair.opening 
_ndb_struct_na_base_pair.pair_number 
_ndb_struct_na_base_pair.pair_name 
_ndb_struct_na_base_pair.i_auth_asym_id 
_ndb_struct_na_base_pair.i_auth_seq_id 
_ndb_struct_na_base_pair.i_PDB_ins_code 
_ndb_struct_na_base_pair.j_auth_asym_id 
_ndb_struct_na_base_pair.j_auth_seq_id 
_ndb_struct_na_base_pair.j_PDB_ins_code 
_ndb_struct_na_base_pair.hbond_type_28 
_ndb_struct_na_base_pair.hbond_type_12 
1 A DG 1 1_555 B DC 8 1_555 -0.447 -0.195 0.049  -3.885  -4.828  -4.125 1 A_DG1:DC16_B A 1 ? B 16 ? 19 1 
1 A DG 2 1_555 B DC 7 1_555 -0.318 -0.224 -0.098 -9.162  -9.307  -1.042 2 A_DG2:DC15_B A 2 ? B 15 ? 19 1 
1 A DG 3 1_555 B DC 6 1_555 -0.527 -0.297 -0.259 -12.341 -8.557  -3.586 3 A_DG3:DC14_B A 3 ? B 14 ? 19 1 
1 A DG 4 1_555 B DT 5 1_555 -2.227 -0.611 -0.016 -5.521  -7.099  -7.672 4 A_DG4:DT13_B A 4 ? B 13 ? 28 ? 
1 A DT 5 1_555 B DG 4 1_555 2.541  -0.514 -0.072 5.981   -16.144 -8.708 5 A_DT5:DG12_B A 5 ? B 12 ? 28 ? 
1 A DC 6 1_555 B DG 3 1_555 0.107  -0.065 -0.112 11.786  -17.251 0.837  6 A_DC6:DG11_B A 6 ? B 11 ? 19 1 
1 A DC 7 1_555 B DG 2 1_555 0.552  -0.156 -0.105 11.305  -15.529 -1.355 7 A_DC7:DG10_B A 7 ? B 10 ? 19 1 
1 A DC 8 1_555 B DG 1 1_555 0.274  -0.178 -0.265 14.841  -7.843  -4.560 8 A_DC8:DG9_B  A 8 ? B 9  ? 19 1 
# 
loop_
_ndb_struct_na_base_pair_step.model_number 
_ndb_struct_na_base_pair_step.i_label_asym_id_1 
_ndb_struct_na_base_pair_step.i_label_comp_id_1 
_ndb_struct_na_base_pair_step.i_label_seq_id_1 
_ndb_struct_na_base_pair_step.i_symmetry_1 
_ndb_struct_na_base_pair_step.j_label_asym_id_1 
_ndb_struct_na_base_pair_step.j_label_comp_id_1 
_ndb_struct_na_base_pair_step.j_label_seq_id_1 
_ndb_struct_na_base_pair_step.j_symmetry_1 
_ndb_struct_na_base_pair_step.i_label_asym_id_2 
_ndb_struct_na_base_pair_step.i_label_comp_id_2 
_ndb_struct_na_base_pair_step.i_label_seq_id_2 
_ndb_struct_na_base_pair_step.i_symmetry_2 
_ndb_struct_na_base_pair_step.j_label_asym_id_2 
_ndb_struct_na_base_pair_step.j_label_comp_id_2 
_ndb_struct_na_base_pair_step.j_label_seq_id_2 
_ndb_struct_na_base_pair_step.j_symmetry_2 
_ndb_struct_na_base_pair_step.shift 
_ndb_struct_na_base_pair_step.slide 
_ndb_struct_na_base_pair_step.rise 
_ndb_struct_na_base_pair_step.tilt 
_ndb_struct_na_base_pair_step.roll 
_ndb_struct_na_base_pair_step.twist 
_ndb_struct_na_base_pair_step.x_displacement 
_ndb_struct_na_base_pair_step.y_displacement 
_ndb_struct_na_base_pair_step.helical_rise 
_ndb_struct_na_base_pair_step.inclination 
_ndb_struct_na_base_pair_step.tip 
_ndb_struct_na_base_pair_step.helical_twist 
_ndb_struct_na_base_pair_step.step_number 
_ndb_struct_na_base_pair_step.step_name 
_ndb_struct_na_base_pair_step.i_auth_asym_id_1 
_ndb_struct_na_base_pair_step.i_auth_seq_id_1 
_ndb_struct_na_base_pair_step.i_PDB_ins_code_1 
_ndb_struct_na_base_pair_step.j_auth_asym_id_1 
_ndb_struct_na_base_pair_step.j_auth_seq_id_1 
_ndb_struct_na_base_pair_step.j_PDB_ins_code_1 
_ndb_struct_na_base_pair_step.i_auth_asym_id_2 
_ndb_struct_na_base_pair_step.i_auth_seq_id_2 
_ndb_struct_na_base_pair_step.i_PDB_ins_code_2 
_ndb_struct_na_base_pair_step.j_auth_asym_id_2 
_ndb_struct_na_base_pair_step.j_auth_seq_id_2 
_ndb_struct_na_base_pair_step.j_PDB_ins_code_2 
1 A DG 1 1_555 B DC 8 1_555 A DG 2 1_555 B DC 7 1_555 0.233  -2.002 3.494 1.233  4.395  33.430 -4.186 -0.195 3.218 7.596  -2.132 
33.731 1 AA_DG1DG2:DC15DC16_BB A 1 ? B 16 ? A 2 ? B 15 ? 
1 A DG 2 1_555 B DC 7 1_555 A DG 3 1_555 B DC 6 1_555 -0.214 -1.750 3.374 2.217  7.110  31.544 -4.357 0.764  2.900 12.855 -4.008 
32.389 2 AA_DG2DG3:DC14DC15_BB A 2 ? B 15 ? A 3 ? B 14 ? 
1 A DG 3 1_555 B DC 6 1_555 A DG 4 1_555 B DT 5 1_555 -0.129 -1.964 3.060 -5.068 8.387  23.453 -6.499 -0.933 2.216 19.573 11.828 
25.391 3 AA_DG3DG4:DT13DC14_BB A 3 ? B 14 ? A 4 ? B 13 ? 
1 A DG 4 1_555 B DT 5 1_555 A DT 5 1_555 B DG 4 1_555 -0.269 -1.009 3.167 -0.407 1.520  50.259 -1.293 0.288  3.139 1.790  0.479  
50.283 4 AA_DG4DT5:DG12DT13_BB A 4 ? B 13 ? A 5 ? B 12 ? 
1 A DT 5 1_555 B DG 4 1_555 A DC 6 1_555 B DG 3 1_555 0.192  -1.900 2.977 1.921  10.451 20.938 -7.432 0.034  1.840 26.656 -4.900 
23.453 5 AA_DT5DC6:DG11DG12_BB A 5 ? B 12 ? A 6 ? B 11 ? 
1 A DC 6 1_555 B DG 3 1_555 A DC 7 1_555 B DG 2 1_555 0.134  -1.220 3.365 0.505  6.848  34.062 -3.085 -0.148 3.071 11.544 -0.852 
34.727 6 AA_DC6DC7:DG10DG11_BB A 6 ? B 11 ? A 7 ? B 10 ? 
1 A DC 7 1_555 B DG 2 1_555 A DC 8 1_555 B DG 1 1_555 -0.244 -1.711 3.323 -0.455 6.379  30.379 -4.381 0.372  2.915 12.006 0.857  
31.029 7 AA_DC7DC8:DG9DG10_BB  A 7 ? B 10 ? A 8 ? B 9  ? 
# 
_atom_sites.entry_id                    1D91 
_atom_sites.fract_transf_matrix[1][1]   0.01215233 
_atom_sites.fract_transf_matrix[1][2]   -0.01834928 
_atom_sites.fract_transf_matrix[1][3]   0.01351326 
_atom_sites.fract_transf_matrix[2][1]   -0.01019259 
_atom_sites.fract_transf_matrix[2][2]   -0.00865253 
_atom_sites.fract_transf_matrix[2][3]   0.02209587 
_atom_sites.fract_transf_matrix[3][1]   -0.01178055 
_atom_sites.fract_transf_matrix[3][2]   -0.01658766 
_atom_sites.fract_transf_matrix[3][3]   -0.01192981 
_atom_sites.fract_transf_vector[1]      0.947612 
_atom_sites.fract_transf_vector[2]      0.434079 
_atom_sites.fract_transf_vector[3]      0.026741 
# 
loop_
_atom_type.symbol 
C 
N 
O 
P 
# 
loop_
_atom_site.group_PDB 
_atom_site.id 
_atom_site.type_symbol 
_atom_site.label_atom_id 
_atom_site.label_alt_id 
_atom_site.label_comp_id 
_atom_site.label_asym_id 
_atom_site.label_entity_id 
_atom_site.label_seq_id 
_atom_site.pdbx_PDB_ins_code 
_atom_site.Cartn_x 
_atom_site.Cartn_y 
_atom_site.Cartn_z 
_atom_site.occupancy 
_atom_site.B_iso_or_equiv 
_atom_site.pdbx_formal_charge 
_atom_site.auth_seq_id 
_atom_site.auth_comp_id 
_atom_site.auth_asym_id 
_atom_site.auth_atom_id 
_atom_site.pdbx_PDB_model_num 
ATOM   1   O "O5'" . DG  A 1 1 ? -1.831  12.804  8.175   1.00 26.55 ? 1   DG  A "O5'" 1 
ATOM   2   C "C5'" . DG  A 1 1 ? -0.995  11.656  7.840   1.00 25.35 ? 1   DG  A "C5'" 1 
ATOM   3   C "C4'" . DG  A 1 1 ? 0.336   11.787  8.546   1.00 24.20 ? 1   DG  A "C4'" 1 
ATOM   4   O "O4'" . DG  A 1 1 ? 0.283   11.469  9.931   1.00 22.68 ? 1   DG  A "O4'" 1 
ATOM   5   C "C3'" . DG  A 1 1 ? 1.472   10.951  7.950   1.00 24.35 ? 1   DG  A "C3'" 1 
ATOM   6   O "O3'" . DG  A 1 1 ? 2.159   11.720  6.948   1.00 25.36 ? 1   DG  A "O3'" 1 
ATOM   7   C "C2'" . DG  A 1 1 ? 2.338   10.633  9.166   1.00 22.80 ? 1   DG  A "C2'" 1 
ATOM   8   C "C1'" . DG  A 1 1 ? 1.271   10.458  10.235  1.00 21.80 ? 1   DG  A "C1'" 1 
ATOM   9   N N9    . DG  A 1 1 ? 0.676   9.109   10.234  1.00 20.90 ? 1   DG  A N9    1 
ATOM   10  C C8    . DG  A 1 1 ? -0.621  8.714   9.969   1.00 20.33 ? 1   DG  A C8    1 
ATOM   11  N N7    . DG  A 1 1 ? -0.808  7.439   10.049  1.00 20.56 ? 1   DG  A N7    1 
ATOM   12  C C5    . DG  A 1 1 ? 0.445   6.932   10.387  1.00 20.62 ? 1   DG  A C5    1 
ATOM   13  C C6    . DG  A 1 1 ? 0.841   5.600   10.641  1.00 20.20 ? 1   DG  A C6    1 
ATOM   14  O O6    . DG  A 1 1 ? 0.153   4.578   10.612  1.00 20.36 ? 1   DG  A O6    1 
ATOM   15  N N1    . DG  A 1 1 ? 2.181   5.532   10.980  1.00 20.27 ? 1   DG  A N1    1 
ATOM   16  C C2    . DG  A 1 1 ? 3.035   6.603   11.095  1.00 20.42 ? 1   DG  A C2    1 
ATOM   17  N N2    . DG  A 1 1 ? 4.295   6.303   11.451  1.00 20.07 ? 1   DG  A N2    1 
ATOM   18  N N3    . DG  A 1 1 ? 2.682   7.849   10.833  1.00 20.54 ? 1   DG  A N3    1 
ATOM   19  C C4    . DG  A 1 1 ? 1.363   7.942   10.532  1.00 20.64 ? 1   DG  A C4    1 
ATOM   20  P P     . DG  A 1 2 ? 2.847   10.990  5.685   1.00 26.13 ? 2   DG  A P     1 
ATOM   21  O OP1   . DG  A 1 2 ? 3.526   12.030  4.890   1.00 26.34 ? 2   DG  A OP1   1 
ATOM   22  O OP2   . DG  A 1 2 ? 1.789   10.143  5.065   1.00 26.04 ? 2   DG  A OP2   1 
ATOM   23  O "O5'" . DG  A 1 2 ? 3.971   10.020  6.317   1.00 25.58 ? 2   DG  A "O5'" 1 
ATOM   24  C "C5'" . DG  A 1 2 ? 5.283   10.456  6.736   1.00 23.96 ? 2   DG  A "C5'" 1 
ATOM   25  C "C4'" . DG  A 1 2 ? 6.026   9.277   7.331   1.00 22.92 ? 2   DG  A "C4'" 1 
ATOM   26  O "O4'" . DG  A 1 2 ? 5.185   8.591   8.296   1.00 21.65 ? 2   DG  A "O4'" 1 
ATOM   27  C "C3'" . DG  A 1 2 ? 6.311   8.192   6.305   1.00 22.89 ? 2   DG  A "C3'" 1 
ATOM   28  O "O3'" . DG  A 1 2 ? 7.333   8.487   5.372   1.00 24.08 ? 2   DG  A "O3'" 1 
ATOM   29  C "C2'" . DG  A 1 2 ? 6.545   6.997   7.207   1.00 21.94 ? 2   DG  A "C2'" 1 
ATOM   30  C "C1'" . DG  A 1 2 ? 5.398   7.188   8.175   1.00 20.41 ? 2   DG  A "C1'" 1 
ATOM   31  N N9    . DG  A 1 2 ? 4.191   6.398   7.883   1.00 19.43 ? 2   DG  A N9    1 
ATOM   32  C C8    . DG  A 1 2 ? 2.924   6.831   7.568   1.00 18.93 ? 2   DG  A C8    1 
ATOM   33  N N7    . DG  A 1 2 ? 2.048   5.876   7.496   1.00 18.98 ? 2   DG  A N7    1 
ATOM   34  C C5    . DG  A 1 2 ? 2.772   4.718   7.774   1.00 18.73 ? 2   DG  A C5    1 
ATOM   35  C C6    . DG  A 1 2 ? 2.350   3.364   7.801   1.00 18.38 ? 2   DG  A C6    1 
ATOM   36  O O6    . DG  A 1 2 ? 1.215   2.901   7.595   1.00 17.98 ? 2   DG  A O6    1 
ATOM   37  N N1    . DG  A 1 2 ? 3.376   2.513   8.181   1.00 18.57 ? 2   DG  A N1    1 
ATOM   38  C C2    . DG  A 1 2 ? 4.661   2.909   8.480   1.00 18.97 ? 2   DG  A C2    1 
ATOM   39  N N2    . DG  A 1 2 ? 5.526   1.928   8.799   1.00 18.18 ? 2   DG  A N2    1 
ATOM   40  N N3    . DG  A 1 2 ? 5.079   4.175   8.395   1.00 19.03 ? 2   DG  A N3    1 
ATOM   41  C C4    . DG  A 1 2 ? 4.080   5.022   8.053   1.00 18.70 ? 2   DG  A C4    1 
ATOM   42  P P     . DG  A 1 3 ? 7.273   7.796   3.910   1.00 24.85 ? 3   DG  A P     1 
ATOM   43  O OP1   . DG  A 1 3 ? 8.401   8.412   3.156   1.00 24.97 ? 3   DG  A OP1   1 
ATOM   44  O OP2   . DG  A 1 3 ? 5.894   7.940   3.362   1.00 24.58 ? 3   DG  A OP2   1 
ATOM   45  O "O5'" . DG  A 1 3 ? 7.567   6.240   4.174   1.00 23.62 ? 3   DG  A "O5'" 1 
ATOM   46  C "C5'" . DG  A 1 3 ? 8.903   5.755   4.402   1.00 22.33 ? 3   DG  A "C5'" 1 
ATOM   47  C "C4'" . DG  A 1 3 ? 8.912   4.268   4.624   1.00 21.28 ? 3   DG  A "C4'" 1 
ATOM   48  O "O4'" . DG  A 1 3 ? 8.024   3.906   5.693   1.00 20.13 ? 3   DG  A "O4'" 1 
ATOM   49  C "C3'" . DG  A 1 3 ? 8.494   3.331   3.499   1.00 21.29 ? 3   DG  A "C3'" 1 
ATOM   50  O "O3'" . DG  A 1 3 ? 9.557   3.173   2.534   1.00 22.59 ? 3   DG  A "O3'" 1 
ATOM   51  C "C2'" . DG  A 1 3 ? 8.330   2.017   4.280   1.00 19.68 ? 3   DG  A "C2'" 1 
ATOM   52  C "C1'" . DG  A 1 3 ? 7.552   2.569   5.463   1.00 17.92 ? 3   DG  A "C1'" 1 
ATOM   53  N N9    . DG  A 1 3 ? 6.114   2.528   5.237   1.00 16.04 ? 3   DG  A N9    1 
ATOM   54  C C8    . DG  A 1 3 ? 5.252   3.556   4.942   1.00 16.18 ? 3   DG  A C8    1 
ATOM   55  N N7    . DG  A 1 3 ? 4.011   3.200   4.837   1.00 16.01 ? 3   DG  A N7    1 
ATOM   56  C C5    . DG  A 1 3 ? 4.052   1.823   5.068   1.00 15.87 ? 3   DG  A C5    1 
ATOM   57  C C6    . DG  A 1 3 ? 2.987   0.885   5.010   1.00 15.58 ? 3   DG  A C6    1 
ATOM   58  O O6    . DG  A 1 3 ? 1.787   1.116   4.819   1.00 15.93 ? 3   DG  A O6    1 
ATOM   59  N N1    . DG  A 1 3 ? 3.433   -0.403  5.272   1.00 14.75 ? 3   DG  A N1    1 
ATOM   60  C C2    . DG  A 1 3 ? 4.749   -0.737  5.501   1.00 15.15 ? 3   DG  A C2    1 
ATOM   61  N N2    . DG  A 1 3 ? 4.943   -2.046  5.702   1.00 14.84 ? 3   DG  A N2    1 
ATOM   62  N N3    . DG  A 1 3 ? 5.759   0.125   5.534   1.00 15.26 ? 3   DG  A N3    1 
ATOM   63  C C4    . DG  A 1 3 ? 5.333   1.393   5.300   1.00 15.43 ? 3   DG  A C4    1 
ATOM   64  P P     . DG  A 1 4 ? 9.148   2.616   1.095   1.00 24.15 ? 4   DG  A P     1 
ATOM   65  O OP1   . DG  A 1 4 ? 10.373  2.780   0.253   1.00 24.39 ? 4   DG  A OP1   1 
ATOM   66  O OP2   . DG  A 1 4 ? 7.884   3.234   0.622   1.00 23.87 ? 4   DG  A OP2   1 
ATOM   67  O "O5'" . DG  A 1 4 ? 8.775   1.064   1.292   1.00 22.26 ? 4   DG  A "O5'" 1 
ATOM   68  C "C5'" . DG  A 1 4 ? 9.768   0.114   1.700   1.00 19.96 ? 4   DG  A "C5'" 1 
ATOM   69  C "C4'" . DG  A 1 4 ? 9.130   -1.224  1.868   1.00 18.00 ? 4   DG  A "C4'" 1 
ATOM   70  O "O4'" . DG  A 1 4 ? 8.090   -1.151  2.851   1.00 16.89 ? 4   DG  A "O4'" 1 
ATOM   71  C "C3'" . DG  A 1 4 ? 8.425   -1.876  0.663   1.00 17.21 ? 4   DG  A "C3'" 1 
ATOM   72  O "O3'" . DG  A 1 4 ? 9.386   -2.418  -0.219  1.00 16.85 ? 4   DG  A "O3'" 1 
ATOM   73  C "C2'" . DG  A 1 4 ? 7.690   -3.022  1.373   1.00 15.96 ? 4   DG  A "C2'" 1 
ATOM   74  C "C1'" . DG  A 1 4 ? 7.152   -2.204  2.518   1.00 15.04 ? 4   DG  A "C1'" 1 
ATOM   75  N N9    . DG  A 1 4 ? 5.812   -1.632  2.300   1.00 13.96 ? 4   DG  A N9    1 
ATOM   76  C C8    . DG  A 1 4 ? 5.396   -0.327  2.213   1.00 12.52 ? 4   DG  A C8    1 
ATOM   77  N N7    . DG  A 1 4 ? 4.139   -0.202  2.106   1.00 13.27 ? 4   DG  A N7    1 
ATOM   78  C C5    . DG  A 1 4 ? 3.638   -1.507  2.161   1.00 13.14 ? 4   DG  A C5    1 
ATOM   79  C C6    . DG  A 1 4 ? 2.305   -1.975  2.132   1.00 13.02 ? 4   DG  A C6    1 
ATOM   80  O O6    . DG  A 1 4 ? 1.272   -1.310  2.070   1.00 12.93 ? 4   DG  A O6    1 
ATOM   81  N N1    . DG  A 1 4 ? 2.237   -3.363  2.159   1.00 13.06 ? 4   DG  A N1    1 
ATOM   82  C C2    . DG  A 1 4 ? 3.328   -4.187  2.263   1.00 13.23 ? 4   DG  A C2    1 
ATOM   83  N N2    . DG  A 1 4 ? 3.036   -5.490  2.275   1.00 13.64 ? 4   DG  A N2    1 
ATOM   84  N N3    . DG  A 1 4 ? 4.591   -3.766  2.323   1.00 13.50 ? 4   DG  A N3    1 
ATOM   85  C C4    . DG  A 1 4 ? 4.660   -2.407  2.285   1.00 13.52 ? 4   DG  A C4    1 
ATOM   86  P P     . DT  A 1 5 ? 9.214   -2.457  -1.798  1.00 16.46 ? 5   DT  A P     1 
ATOM   87  O OP1   . DT  A 1 5 ? 10.457  -3.097  -2.327  1.00 16.40 ? 5   DT  A OP1   1 
ATOM   88  O OP2   . DT  A 1 5 ? 8.886   -1.115  -2.292  1.00 16.40 ? 5   DT  A OP2   1 
ATOM   89  O "O5'" . DT  A 1 5 ? 8.007   -3.487  -2.007  1.00 15.78 ? 5   DT  A "O5'" 1 
ATOM   90  C "C5'" . DT  A 1 5 ? 8.171   -4.899  -1.815  1.00 14.86 ? 5   DT  A "C5'" 1 
ATOM   91  C "C4'" . DT  A 1 5 ? 6.811   -5.525  -1.805  1.00 15.35 ? 5   DT  A "C4'" 1 
ATOM   92  O "O4'" . DT  A 1 5 ? 6.023   -5.139  -0.668  1.00 14.80 ? 5   DT  A "O4'" 1 
ATOM   93  C "C3'" . DT  A 1 5 ? 5.913   -5.284  -3.016  1.00 15.65 ? 5   DT  A "C3'" 1 
ATOM   94  O "O3'" . DT  A 1 5 ? 6.356   -6.076  -4.104  1.00 17.44 ? 5   DT  A "O3'" 1 
ATOM   95  C "C2'" . DT  A 1 5 ? 4.567   -5.756  -2.423  1.00 15.25 ? 5   DT  A "C2'" 1 
ATOM   96  C "C1'" . DT  A 1 5 ? 4.659   -4.976  -1.107  1.00 14.27 ? 5   DT  A "C1'" 1 
ATOM   97  N N1    . DT  A 1 5 ? 4.194   -3.586  -1.198  1.00 13.19 ? 5   DT  A N1    1 
ATOM   98  C C2    . DT  A 1 5 ? 2.829   -3.371  -1.055  1.00 12.95 ? 5   DT  A C2    1 
ATOM   99  O O2    . DT  A 1 5 ? 2.000   -4.257  -0.965  1.00 13.11 ? 5   DT  A O2    1 
ATOM   100 N N3    . DT  A 1 5 ? 2.425   -2.060  -1.177  1.00 13.12 ? 5   DT  A N3    1 
ATOM   101 C C4    . DT  A 1 5 ? 3.244   -0.959  -1.372  1.00 13.19 ? 5   DT  A C4    1 
ATOM   102 O O4    . DT  A 1 5 ? 2.743   0.154   -1.335  1.00 12.73 ? 5   DT  A O4    1 
ATOM   103 C C5    . DT  A 1 5 ? 4.650   -1.263  -1.481  1.00 13.09 ? 5   DT  A C5    1 
ATOM   104 C C7    . DT  A 1 5 ? 5.641   -0.147  -1.641  1.00 13.21 ? 5   DT  A C7    1 
ATOM   105 C C6    . DT  A 1 5 ? 5.047   -2.518  -1.404  1.00 13.00 ? 5   DT  A C6    1 
ATOM   106 P P     . DC  A 1 6 ? 6.129   -5.715  -5.638  1.00 17.98 ? 6   DC  A P     1 
ATOM   107 O OP1   . DC  A 1 6 ? 7.037   -6.592  -6.431  1.00 19.14 ? 6   DC  A OP1   1 
ATOM   108 O OP2   . DC  A 1 6 ? 6.248   -4.262  -5.873  1.00 18.47 ? 6   DC  A OP2   1 
ATOM   109 O "O5'" . DC  A 1 6 ? 4.623   -6.198  -5.901  1.00 17.66 ? 6   DC  A "O5'" 1 
ATOM   110 C "C5'" . DC  A 1 6 ? 4.147   -7.513  -5.608  1.00 16.45 ? 6   DC  A "C5'" 1 
ATOM   111 C "C4'" . DC  A 1 6 ? 2.656   -7.594  -5.716  1.00 16.46 ? 6   DC  A "C4'" 1 
ATOM   112 O "O4'" . DC  A 1 6 ? 2.043   -7.082  -4.523  1.00 15.76 ? 6   DC  A "O4'" 1 
ATOM   113 C "C3'" . DC  A 1 6 ? 1.948   -6.925  -6.886  1.00 16.60 ? 6   DC  A "C3'" 1 
ATOM   114 O "O3'" . DC  A 1 6 ? 1.928   -7.733  -8.062  1.00 18.61 ? 6   DC  A "O3'" 1 
ATOM   115 C "C2'" . DC  A 1 6 ? 0.571   -6.633  -6.325  1.00 15.78 ? 6   DC  A "C2'" 1 
ATOM   116 C "C1'" . DC  A 1 6 ? 0.944   -6.258  -4.902  1.00 14.47 ? 6   DC  A "C1'" 1 
ATOM   117 N N1    . DC  A 1 6 ? 1.118   -4.818  -4.737  1.00 13.60 ? 6   DC  A N1    1 
ATOM   118 C C2    . DC  A 1 6 ? -0.064  -4.073  -4.497  1.00 13.13 ? 6   DC  A C2    1 
ATOM   119 O O2    . DC  A 1 6 ? -1.149  -4.686  -4.459  1.00 12.93 ? 6   DC  A O2    1 
ATOM   120 N N3    . DC  A 1 6 ? 0.033   -2.735  -4.323  1.00 13.03 ? 6   DC  A N3    1 
ATOM   121 C C4    . DC  A 1 6 ? 1.241   -2.134  -4.399  1.00 12.83 ? 6   DC  A C4    1 
ATOM   122 N N4    . DC  A 1 6 ? 1.293   -0.802  -4.215  1.00 11.10 ? 6   DC  A N4    1 
ATOM   123 C C5    . DC  A 1 6 ? 2.433   -2.881  -4.631  1.00 12.68 ? 6   DC  A C5    1 
ATOM   124 C C6    . DC  A 1 6 ? 2.325   -4.193  -4.819  1.00 12.49 ? 6   DC  A C6    1 
ATOM   125 P P     . DC  A 1 7 ? 2.028   -7.104  -9.549  1.00 19.35 ? 7   DC  A P     1 
ATOM   126 O OP1   . DC  A 1 7 ? 2.430   -8.178  -10.480 1.00 19.14 ? 7   DC  A OP1   1 
ATOM   127 O OP2   . DC  A 1 7 ? 2.837   -5.874  -9.509  1.00 18.64 ? 7   DC  A OP2   1 
ATOM   128 O "O5'" . DC  A 1 7 ? 0.508   -6.696  -9.855  1.00 18.29 ? 7   DC  A "O5'" 1 
ATOM   129 C "C5'" . DC  A 1 7 ? -0.615  -7.589  -9.800  1.00 16.76 ? 7   DC  A "C5'" 1 
ATOM   130 C "C4'" . DC  A 1 7 ? -1.859  -6.739  -9.664  1.00 16.55 ? 7   DC  A "C4'" 1 
ATOM   131 O "O4'" . DC  A 1 7 ? -1.780  -5.967  -8.466  1.00 16.08 ? 7   DC  A "O4'" 1 
ATOM   132 C "C3'" . DC  A 1 7 ? -2.074  -5.686  -10.763 1.00 16.90 ? 7   DC  A "C3'" 1 
ATOM   133 O "O3'" . DC  A 1 7 ? -2.611  -6.309  -11.933 1.00 18.28 ? 7   DC  A "O3'" 1 
ATOM   134 C "C2'" . DC  A 1 7 ? -2.877  -4.611  -10.083 1.00 16.25 ? 7   DC  A "C2'" 1 
ATOM   135 C "C1'" . DC  A 1 7 ? -2.289  -4.647  -8.686  1.00 15.70 ? 7   DC  A "C1'" 1 
ATOM   136 N N1    . DC  A 1 7 ? -1.358  -3.555  -8.381  1.00 15.10 ? 7   DC  A N1    1 
ATOM   137 C C2    . DC  A 1 7 ? -1.933  -2.341  -7.976  1.00 14.84 ? 7   DC  A C2    1 
ATOM   138 O O2    . DC  A 1 7 ? -3.163  -2.222  -7.967  1.00 15.18 ? 7   DC  A O2    1 
ATOM   139 N N3    . DC  A 1 7 ? -1.128  -1.304  -7.648  1.00 15.12 ? 7   DC  A N3    1 
ATOM   140 C C4    . DC  A 1 7 ? 0.203   -1.436  -7.714  1.00 14.95 ? 7   DC  A C4    1 
ATOM   141 N N4    . DC  A 1 7 ? 0.939   -0.366  -7.389  1.00 15.06 ? 7   DC  A N4    1 
ATOM   142 C C5    . DC  A 1 7 ? 0.793   -2.667  -8.095  1.00 15.25 ? 7   DC  A C5    1 
ATOM   143 C C6    . DC  A 1 7 ? -0.006  -3.683  -8.432  1.00 15.12 ? 7   DC  A C6    1 
ATOM   144 P P     . DC  A 1 8 ? -2.308  -5.591  -13.355 1.00 19.15 ? 8   DC  A P     1 
ATOM   145 O OP1   . DC  A 1 8 ? -2.874  -6.559  -14.316 1.00 19.64 ? 8   DC  A OP1   1 
ATOM   146 O OP2   . DC  A 1 8 ? -0.900  -5.186  -13.456 1.00 19.19 ? 8   DC  A OP2   1 
ATOM   147 O "O5'" . DC  A 1 8 ? -3.172  -4.240  -13.275 1.00 17.99 ? 8   DC  A "O5'" 1 
ATOM   148 C "C5'" . DC  A 1 8 ? -4.601  -4.224  -13.529 1.00 16.58 ? 8   DC  A "C5'" 1 
ATOM   149 C "C4'" . DC  A 1 8 ? -5.060  -2.782  -13.461 1.00 16.07 ? 8   DC  A "C4'" 1 
ATOM   150 O "O4'" . DC  A 1 8 ? -4.695  -2.260  -12.160 1.00 15.64 ? 8   DC  A "O4'" 1 
ATOM   151 C "C3'" . DC  A 1 8 ? -4.436  -1.808  -14.452 1.00 16.35 ? 8   DC  A "C3'" 1 
ATOM   152 O "O3'" . DC  A 1 8 ? -5.082  -1.782  -15.745 1.00 16.58 ? 8   DC  A "O3'" 1 
ATOM   153 C "C2'" . DC  A 1 8 ? -4.541  -0.483  -13.719 1.00 15.79 ? 8   DC  A "C2'" 1 
ATOM   154 C "C1'" . DC  A 1 8 ? -4.431  -0.867  -12.254 1.00 15.02 ? 8   DC  A "C1'" 1 
ATOM   155 N N1    . DC  A 1 8 ? -3.153  -0.438  -11.681 1.00 14.24 ? 8   DC  A N1    1 
ATOM   156 C C2    . DC  A 1 8 ? -3.093  0.865   -11.171 1.00 14.28 ? 8   DC  A C2    1 
ATOM   157 O O2    . DC  A 1 8 ? -4.119  1.572   -11.191 1.00 13.84 ? 8   DC  A O2    1 
ATOM   158 N N3    . DC  A 1 8 ? -1.898  1.318   -10.668 1.00 14.47 ? 8   DC  A N3    1 
ATOM   159 C C4    . DC  A 1 8 ? -0.825  0.526   -10.718 1.00 13.82 ? 8   DC  A C4    1 
ATOM   160 N N4    . DC  A 1 8 ? 0.312   1.004   -10.243 1.00 13.62 ? 8   DC  A N4    1 
ATOM   161 C C5    . DC  A 1 8 ? -0.871  -0.782  -11.285 1.00 13.98 ? 8   DC  A C5    1 
ATOM   162 C C6    . DC  A 1 8 ? -2.028  -1.205  -11.766 1.00 14.05 ? 8   DC  A C6    1 
ATOM   163 O "O5'" . DG  B 1 1 ? 0.751   10.852  -7.328  1.00 21.12 ? 9   DG  B "O5'" 1 
ATOM   164 C "C5'" . DG  B 1 1 ? -0.489  11.582  -7.176  1.00 20.50 ? 9   DG  B "C5'" 1 
ATOM   165 C "C4'" . DG  B 1 1 ? -1.567  10.927  -7.984  1.00 20.30 ? 9   DG  B "C4'" 1 
ATOM   166 O "O4'" . DG  B 1 1 ? -1.122  10.399  -9.249  1.00 19.17 ? 9   DG  B "O4'" 1 
ATOM   167 C "C3'" . DG  B 1 1 ? -2.300  9.751   -7.343  1.00 20.06 ? 9   DG  B "C3'" 1 
ATOM   168 O "O3'" . DG  B 1 1 ? -3.119  10.146  -6.263  1.00 21.57 ? 9   DG  B "O3'" 1 
ATOM   169 C "C2'" . DG  B 1 1 ? -3.052  9.213   -8.561  1.00 18.82 ? 9   DG  B "C2'" 1 
ATOM   170 C "C1'" . DG  B 1 1 ? -1.888  9.200   -9.550  1.00 17.88 ? 9   DG  B "C1'" 1 
ATOM   171 N N9    . DG  B 1 1 ? -1.065  7.979   -9.418  1.00 16.90 ? 9   DG  B N9    1 
ATOM   172 C C8    . DG  B 1 1 ? 0.266   7.871   -9.059  1.00 17.07 ? 9   DG  B C8    1 
ATOM   173 N N7    . DG  B 1 1 ? 0.714   6.662   -9.077  1.00 17.43 ? 9   DG  B N7    1 
ATOM   174 C C5    . DG  B 1 1 ? -0.391  5.901   -9.450  1.00 16.98 ? 9   DG  B C5    1 
ATOM   175 C C6    . DG  B 1 1 ? -0.497  4.502   -9.604  1.00 16.57 ? 9   DG  B C6    1 
ATOM   176 O O6    . DG  B 1 1 ? 0.391   3.660   -9.428  1.00 16.59 ? 9   DG  B O6    1 
ATOM   177 N N1    . DG  B 1 1 ? -1.770  4.133   -10.031 1.00 16.17 ? 9   DG  B N1    1 
ATOM   178 C C2    . DG  B 1 1 ? -2.800  5.001   -10.280 1.00 16.37 ? 9   DG  B C2    1 
ATOM   179 N N2    . DG  B 1 1 ? -3.945  4.427   -10.690 1.00 16.07 ? 9   DG  B N2    1 
ATOM   180 N N3    . DG  B 1 1 ? -2.715  6.324   -10.131 1.00 16.72 ? 9   DG  B N3    1 
ATOM   181 C C4    . DG  B 1 1 ? -1.476  6.696   -9.702  1.00 16.62 ? 9   DG  B C4    1 
ATOM   182 P P     . DG  B 1 2 ? -3.285  9.244   -4.928  1.00 22.57 ? 10  DG  B P     1 
ATOM   183 O OP1   . DG  B 1 2 ? -3.788  10.192  -3.897  1.00 22.84 ? 10  DG  B OP1   1 
ATOM   184 O OP2   . DG  B 1 2 ? -1.948  8.614   -4.653  1.00 22.56 ? 10  DG  B OP2   1 
ATOM   185 O "O5'" . DG  B 1 2 ? -4.370  8.151   -5.296  1.00 20.32 ? 10  DG  B "O5'" 1 
ATOM   186 C "C5'" . DG  B 1 2 ? -5.679  8.491   -5.743  1.00 20.27 ? 10  DG  B "C5'" 1 
ATOM   187 C "C4'" . DG  B 1 2 ? -6.351  7.258   -6.332  1.00 19.68 ? 10  DG  B "C4'" 1 
ATOM   188 O "O4'" . DG  B 1 2 ? -5.487  6.804   -7.392  1.00 18.77 ? 10  DG  B "O4'" 1 
ATOM   189 C "C3'" . DG  B 1 2 ? -6.456  6.045   -5.421  1.00 20.51 ? 10  DG  B "C3'" 1 
ATOM   190 O "O3'" . DG  B 1 2 ? -7.566  6.131   -4.520  1.00 23.12 ? 10  DG  B "O3'" 1 
ATOM   191 C "C2'" . DG  B 1 2 ? -6.568  4.913   -6.437  1.00 18.97 ? 10  DG  B "C2'" 1 
ATOM   192 C "C1'" . DG  B 1 2 ? -5.483  5.381   -7.404  1.00 16.99 ? 10  DG  B "C1'" 1 
ATOM   193 N N9    . DG  B 1 2 ? -4.142  4.864   -7.070  1.00 15.28 ? 10  DG  B N9    1 
ATOM   194 C C8    . DG  B 1 2 ? -3.025  5.491   -6.571  1.00 14.38 ? 10  DG  B C8    1 
ATOM   195 N N7    . DG  B 1 2 ? -2.018  4.697   -6.454  1.00 14.55 ? 10  DG  B N7    1 
ATOM   196 C C5    . DG  B 1 2 ? -2.489  3.444   -6.837  1.00 14.21 ? 10  DG  B C5    1 
ATOM   197 C C6    . DG  B 1 2 ? -1.844  2.188   -6.850  1.00 13.93 ? 10  DG  B C6    1 
ATOM   198 O O6    . DG  B 1 2 ? -0.654  1.954   -6.551  1.00 13.98 ? 10  DG  B O6    1 
ATOM   199 N N1    . DG  B 1 2 ? -2.702  1.187   -7.312  1.00 13.47 ? 10  DG  B N1    1 
ATOM   200 C C2    . DG  B 1 2 ? -3.987  1.372   -7.733  1.00 13.58 ? 10  DG  B C2    1 
ATOM   201 N N2    . DG  B 1 2 ? -4.680  0.300   -8.173  1.00 12.96 ? 10  DG  B N2    1 
ATOM   202 N N3    . DG  B 1 2 ? -4.608  2.538   -7.684  1.00 14.09 ? 10  DG  B N3    1 
ATOM   203 C C4    . DG  B 1 2 ? -3.794  3.526   -7.238  1.00 14.21 ? 10  DG  B C4    1 
ATOM   204 P P     . DG  B 1 3 ? -7.406  5.635   -2.992  1.00 24.22 ? 11  DG  B P     1 
ATOM   205 O OP1   . DG  B 1 3 ? -8.541  6.300   -2.259  1.00 25.81 ? 11  DG  B OP1   1 
ATOM   206 O OP2   . DG  B 1 3 ? -6.073  5.953   -2.470  1.00 24.26 ? 11  DG  B OP2   1 
ATOM   207 O "O5'" . DG  B 1 3 ? -7.675  4.071   -3.082  1.00 23.97 ? 11  DG  B "O5'" 1 
ATOM   208 C "C5'" . DG  B 1 3 ? -8.828  3.557   -3.802  1.00 23.72 ? 11  DG  B "C5'" 1 
ATOM   209 C "C4'" . DG  B 1 3 ? -8.728  2.072   -4.015  1.00 23.59 ? 11  DG  B "C4'" 1 
ATOM   210 O "O4'" . DG  B 1 3 ? -7.886  1.839   -5.161  1.00 23.20 ? 11  DG  B "O4'" 1 
ATOM   211 C "C3'" . DG  B 1 3 ? -8.210  1.162   -2.919  1.00 24.57 ? 11  DG  B "C3'" 1 
ATOM   212 O "O3'" . DG  B 1 3 ? -9.165  0.827   -1.885  1.00 26.58 ? 11  DG  B "O3'" 1 
ATOM   213 C "C2'" . DG  B 1 3 ? -7.763  -0.042  -3.764  1.00 23.20 ? 11  DG  B "C2'" 1 
ATOM   214 C "C1'" . DG  B 1 3 ? -7.059  0.689   -4.914  1.00 20.74 ? 11  DG  B "C1'" 1 
ATOM   215 N N9    . DG  B 1 3 ? -5.681  1.067   -4.538  1.00 18.81 ? 11  DG  B N9    1 
ATOM   216 C C8    . DG  B 1 3 ? -5.146  2.274   -4.172  1.00 17.90 ? 11  DG  B C8    1 
ATOM   217 N N7    . DG  B 1 3 ? -3.893  2.213   -3.848  1.00 18.11 ? 11  DG  B N7    1 
ATOM   218 C C5    . DG  B 1 3 ? -3.552  0.880   -4.050  1.00 17.79 ? 11  DG  B C5    1 
ATOM   219 C C6    . DG  B 1 3 ? -2.302  0.229   -3.927  1.00 17.62 ? 11  DG  B C6    1 
ATOM   220 O O6    . DG  B 1 3 ? -1.199  0.717   -3.589  1.00 17.67 ? 11  DG  B O6    1 
ATOM   221 N N1    . DG  B 1 3 ? -2.387  -1.104  -4.285  1.00 17.29 ? 11  DG  B N1    1 
ATOM   222 C C2    . DG  B 1 3 ? -3.528  -1.754  -4.694  1.00 17.67 ? 11  DG  B C2    1 
ATOM   223 N N2    . DG  B 1 3 ? -3.430  -3.077  -4.972  1.00 17.23 ? 11  DG  B N2    1 
ATOM   224 N N3    . DG  B 1 3 ? -4.696  -1.149  -4.843  1.00 17.88 ? 11  DG  B N3    1 
ATOM   225 C C4    . DG  B 1 3 ? -4.636  0.159   -4.475  1.00 18.01 ? 11  DG  B C4    1 
ATOM   226 P P     . DG  B 1 4 ? -8.714  0.684   -0.339  1.00 28.46 ? 12  DG  B P     1 
ATOM   227 O OP1   . DG  B 1 4 ? -9.975  0.759   0.475   1.00 28.89 ? 12  DG  B OP1   1 
ATOM   228 O OP2   . DG  B 1 4 ? -7.608  1.579   0.073   1.00 27.02 ? 12  DG  B OP2   1 
ATOM   229 O "O5'" . DG  B 1 4 ? -8.184  -0.855  -0.307  1.00 25.98 ? 12  DG  B "O5'" 1 
ATOM   230 C "C5'" . DG  B 1 4 ? -9.046  -1.934  -0.739  1.00 22.49 ? 12  DG  B "C5'" 1 
ATOM   231 C "C4'" . DG  B 1 4 ? -8.196  -3.170  -0.881  1.00 20.56 ? 12  DG  B "C4'" 1 
ATOM   232 O "O4'" . DG  B 1 4 ? -7.203  -2.920  -1.899  1.00 19.14 ? 12  DG  B "O4'" 1 
ATOM   233 C "C3'" . DG  B 1 4 ? -7.346  -3.648  0.311   1.00 19.70 ? 12  DG  B "C3'" 1 
ATOM   234 O "O3'" . DG  B 1 4 ? -8.162  -4.247  1.320   1.00 20.08 ? 12  DG  B "O3'" 1 
ATOM   235 C "C2'" . DG  B 1 4 ? -6.446  -4.629  -0.432  1.00 18.03 ? 12  DG  B "C2'" 1 
ATOM   236 C "C1'" . DG  B 1 4 ? -6.078  -3.772  -1.641  1.00 17.23 ? 12  DG  B "C1'" 1 
ATOM   237 N N9    . DG  B 1 4 ? -4.861  -2.951  -1.428  1.00 15.82 ? 12  DG  B N9    1 
ATOM   238 C C8    . DG  B 1 4 ? -4.684  -1.601  -1.235  1.00 14.96 ? 12  DG  B C8    1 
ATOM   239 N N7    . DG  B 1 4 ? -3.446  -1.251  -1.125  1.00 14.86 ? 12  DG  B N7    1 
ATOM   240 C C5    . DG  B 1 4 ? -2.730  -2.445  -1.194  1.00 15.12 ? 12  DG  B C5    1 
ATOM   241 C C6    . DG  B 1 4 ? -1.342  -2.698  -1.105  1.00 14.73 ? 12  DG  B C6    1 
ATOM   242 O O6    . DG  B 1 4 ? -0.436  -1.875  -0.899  1.00 14.88 ? 12  DG  B O6    1 
ATOM   243 N N1    . DG  B 1 4 ? -1.045  -4.051  -1.227  1.00 14.53 ? 12  DG  B N1    1 
ATOM   244 C C2    . DG  B 1 4 ? -1.977  -5.049  -1.418  1.00 14.94 ? 12  DG  B C2    1 
ATOM   245 N N2    . DG  B 1 4 ? -1.531  -6.304  -1.555  1.00 14.53 ? 12  DG  B N2    1 
ATOM   246 N N3    . DG  B 1 4 ? -3.283  -4.821  -1.569  1.00 15.05 ? 12  DG  B N3    1 
ATOM   247 C C4    . DG  B 1 4 ? -3.588  -3.502  -1.407  1.00 15.21 ? 12  DG  B C4    1 
ATOM   248 P P     . DT  B 1 5 ? -7.940  -4.094  2.890   1.00 21.11 ? 13  DT  B P     1 
ATOM   249 O OP1   . DT  B 1 5 ? -9.011  -4.944  3.512   1.00 21.76 ? 13  DT  B OP1   1 
ATOM   250 O OP2   . DT  B 1 5 ? -7.855  -2.694  3.360   1.00 21.04 ? 13  DT  B OP2   1 
ATOM   251 O "O5'" . DT  B 1 5 ? -6.525  -4.807  3.164   1.00 20.44 ? 13  DT  B "O5'" 1 
ATOM   252 C "C5'" . DT  B 1 5 ? -6.368  -6.228  2.965   1.00 18.88 ? 13  DT  B "C5'" 1 
ATOM   253 C "C4'" . DT  B 1 5 ? -4.909  -6.571  3.015   1.00 19.10 ? 13  DT  B "C4'" 1 
ATOM   254 O "O4'" . DT  B 1 5 ? -4.239  -5.966  1.873   1.00 18.71 ? 13  DT  B "O4'" 1 
ATOM   255 C "C3'" . DT  B 1 5 ? -4.110  -6.067  4.233   1.00 19.48 ? 13  DT  B "C3'" 1 
ATOM   256 O "O3'" . DT  B 1 5 ? -4.372  -6.826  5.412   1.00 20.59 ? 13  DT  B "O3'" 1 
ATOM   257 C "C2'" . DT  B 1 5 ? -2.696  -6.178  3.670   1.00 18.44 ? 13  DT  B "C2'" 1 
ATOM   258 C "C1'" . DT  B 1 5 ? -2.936  -5.532  2.305   1.00 17.48 ? 13  DT  B "C1'" 1 
ATOM   259 N N1    . DT  B 1 5 ? -2.730  -4.077  2.317   1.00 16.73 ? 13  DT  B N1    1 
ATOM   260 C C2    . DT  B 1 5 ? -1.422  -3.616  2.219   1.00 16.32 ? 13  DT  B C2    1 
ATOM   261 O O2    . DT  B 1 5 ? -0.434  -4.326  2.121   1.00 15.93 ? 13  DT  B O2    1 
ATOM   262 N N3    . DT  B 1 5 ? -1.284  -2.247  2.217   1.00 16.52 ? 13  DT  B N3    1 
ATOM   263 C C4    . DT  B 1 5 ? -2.299  -1.306  2.311   1.00 16.48 ? 13  DT  B C4    1 
ATOM   264 O O4    . DT  B 1 5 ? -2.009  -0.117  2.318   1.00 16.25 ? 13  DT  B O4    1 
ATOM   265 C C5    . DT  B 1 5 ? -3.628  -1.861  2.427   1.00 16.05 ? 13  DT  B C5    1 
ATOM   266 C C7    . DT  B 1 5 ? -4.813  -0.953  2.535   1.00 15.65 ? 13  DT  B C7    1 
ATOM   267 C C6    . DT  B 1 5 ? -3.769  -3.177  2.426   1.00 16.40 ? 13  DT  B C6    1 
ATOM   268 P P     . DC  B 1 6 ? -4.143  -6.371  6.935   1.00 20.26 ? 14  DC  B P     1 
ATOM   269 O OP1   . DC  B 1 6 ? -4.693  -7.505  7.755   1.00 20.99 ? 14  DC  B OP1   1 
ATOM   270 O OP2   . DC  B 1 6 ? -4.597  -5.001  7.204   1.00 20.34 ? 14  DC  B OP2   1 
ATOM   271 O "O5'" . DC  B 1 6 ? -2.538  -6.405  7.132   1.00 20.04 ? 14  DC  B "O5'" 1 
ATOM   272 C "C5'" . DC  B 1 6 ? -1.839  -7.674  7.023   1.00 18.81 ? 14  DC  B "C5'" 1 
ATOM   273 C "C4'" . DC  B 1 6 ? -0.354  -7.395  7.065   1.00 18.12 ? 14  DC  B "C4'" 1 
ATOM   274 O "O4'" . DC  B 1 6 ? -0.009  -6.673  5.856   1.00 17.76 ? 14  DC  B "O4'" 1 
ATOM   275 C "C3'" . DC  B 1 6 ? 0.196   -6.546  8.190   1.00 18.06 ? 14  DC  B "C3'" 1 
ATOM   276 O "O3'" . DC  B 1 6 ? 0.491   -7.255  9.388   1.00 18.90 ? 14  DC  B "O3'" 1 
ATOM   277 C "C2'" . DC  B 1 6 ? 1.475   -5.971  7.562   1.00 17.60 ? 14  DC  B "C2'" 1 
ATOM   278 C "C1'" . DC  B 1 6 ? 0.927   -5.655  6.196   1.00 17.04 ? 14  DC  B "C1'" 1 
ATOM   279 N N1    . DC  B 1 6 ? 0.480   -4.281  5.977   1.00 16.67 ? 14  DC  B N1    1 
ATOM   280 C C2    . DC  B 1 6 ? 1.496   -3.343  5.664   1.00 16.54 ? 14  DC  B C2    1 
ATOM   281 O O2    . DC  B 1 6 ? 2.684   -3.722  5.687   1.00 16.30 ? 14  DC  B O2    1 
ATOM   282 N N3    . DC  B 1 6 ? 1.141   -2.069  5.383   1.00 16.20 ? 14  DC  B N3    1 
ATOM   283 C C4    . DC  B 1 6 ? -0.138  -1.713  5.448   1.00 16.27 ? 14  DC  B C4    1 
ATOM   284 N N4    . DC  B 1 6 ? -0.451  -0.439  5.209   1.00 16.67 ? 14  DC  B N4    1 
ATOM   285 C C5    . DC  B 1 6 ? -1.159  -2.641  5.785   1.00 16.28 ? 14  DC  B C5    1 
ATOM   286 C C6    . DC  B 1 6 ? -0.813  -3.893  6.025   1.00 16.12 ? 14  DC  B C6    1 
ATOM   287 P P     . DC  B 1 7 ? 0.407   -6.474  10.792  1.00 20.05 ? 15  DC  B P     1 
ATOM   288 O OP1   . DC  B 1 7 ? 0.535   -7.556  11.834  1.00 20.99 ? 15  DC  B OP1   1 
ATOM   289 O OP2   . DC  B 1 7 ? -0.806  -5.608  10.860  1.00 19.58 ? 15  DC  B OP2   1 
ATOM   290 O "O5'" . DC  B 1 7 ? 1.744   -5.577  10.822  1.00 18.74 ? 15  DC  B "O5'" 1 
ATOM   291 C "C5'" . DC  B 1 7 ? 3.024   -6.248  10.802  1.00 16.57 ? 15  DC  B "C5'" 1 
ATOM   292 C "C4'" . DC  B 1 7 ? 4.105   -5.224  10.664  1.00 15.29 ? 15  DC  B "C4'" 1 
ATOM   293 O "O4'" . DC  B 1 7 ? 4.077   -4.646  9.353   1.00 14.98 ? 15  DC  B "O4'" 1 
ATOM   294 C "C3'" . DC  B 1 7 ? 4.123   -4.043  11.638  1.00 15.19 ? 15  DC  B "C3'" 1 
ATOM   295 O "O3'" . DC  B 1 7 ? 4.755   -4.468  12.863  1.00 16.14 ? 15  DC  B "O3'" 1 
ATOM   296 C "C2'" . DC  B 1 7 ? 4.964   -3.037  10.858  1.00 14.12 ? 15  DC  B "C2'" 1 
ATOM   297 C "C1'" . DC  B 1 7 ? 4.338   -3.243  9.475   1.00 13.72 ? 15  DC  B "C1'" 1 
ATOM   298 N N1    . DC  B 1 7 ? 3.211   -2.355  9.185   1.00 12.69 ? 15  DC  B N1    1 
ATOM   299 C C2    . DC  B 1 7 ? 3.531   -1.028  8.835   1.00 11.88 ? 15  DC  B C2    1 
ATOM   300 O O2    . DC  B 1 7 ? 4.717   -0.694  8.851   1.00 12.40 ? 15  DC  B O2    1 
ATOM   301 N N3    . DC  B 1 7 ? 2.538   -0.174  8.521   1.00 12.40 ? 15  DC  B N3    1 
ATOM   302 C C4    . DC  B 1 7 ? 1.260   -0.555  8.583   1.00 11.84 ? 15  DC  B C4    1 
ATOM   303 N N4    . DC  B 1 7 ? 0.335   0.332   8.264   1.00 10.78 ? 15  DC  B N4    1 
ATOM   304 C C5    . DC  B 1 7 ? 0.912   -1.903  8.899   1.00 12.31 ? 15  DC  B C5    1 
ATOM   305 C C6    . DC  B 1 7 ? 1.904   -2.749  9.198   1.00 12.56 ? 15  DC  B C6    1 
ATOM   306 P P     . DC  B 1 8 ? 4.704   -3.618  14.195  1.00 16.48 ? 16  DC  B P     1 
ATOM   307 O OP1   . DC  B 1 8 ? 5.382   -4.375  15.265  1.00 17.27 ? 16  DC  B OP1   1 
ATOM   308 O OP2   . DC  B 1 8 ? 3.300   -3.224  14.489  1.00 16.76 ? 16  DC  B OP2   1 
ATOM   309 O "O5'" . DC  B 1 8 ? 5.512   -2.280  13.834  1.00 17.50 ? 16  DC  B "O5'" 1 
ATOM   310 C "C5'" . DC  B 1 8 ? 6.868   -2.005  14.106  1.00 17.88 ? 16  DC  B "C5'" 1 
ATOM   311 C "C4'" . DC  B 1 8 ? 7.209   -0.591  13.707  1.00 18.68 ? 16  DC  B "C4'" 1 
ATOM   312 O "O4'" . DC  B 1 8 ? 6.579   -0.163  12.493  1.00 18.36 ? 16  DC  B "O4'" 1 
ATOM   313 C "C3'" . DC  B 1 8 ? 6.984   0.471   14.766  1.00 18.57 ? 16  DC  B "C3'" 1 
ATOM   314 O "O3'" . DC  B 1 8 ? 8.278   0.928   15.208  1.00 20.38 ? 16  DC  B "O3'" 1 
ATOM   315 C "C2'" . DC  B 1 8 ? 6.275   1.600   14.080  1.00 18.12 ? 16  DC  B "C2'" 1 
ATOM   316 C "C1'" . DC  B 1 8 ? 5.972   1.095   12.684  1.00 18.15 ? 16  DC  B "C1'" 1 
ATOM   317 N N1    . DC  B 1 8 ? 4.574   1.246   12.288  1.00 17.80 ? 16  DC  B N1    1 
ATOM   318 C C2    . DC  B 1 8 ? 4.121   2.553   11.940  1.00 17.49 ? 16  DC  B C2    1 
ATOM   319 O O2    . DC  B 1 8 ? 4.948   3.477   11.977  1.00 17.27 ? 16  DC  B O2    1 
ATOM   320 N N3    . DC  B 1 8 ? 2.822   2.738   11.633  1.00 17.41 ? 16  DC  B N3    1 
ATOM   321 C C4    . DC  B 1 8 ? 1.972   1.691   11.665  1.00 17.56 ? 16  DC  B C4    1 
ATOM   322 N N4    . DC  B 1 8 ? 0.691   1.906   11.348  1.00 17.48 ? 16  DC  B N4    1 
ATOM   323 C C5    . DC  B 1 8 ? 2.390   0.384   12.038  1.00 17.62 ? 16  DC  B C5    1 
ATOM   324 C C6    . DC  B 1 8 ? 3.680   0.206   12.346  1.00 17.94 ? 16  DC  B C6    1 
HETATM 325 O O     . HOH C 2 . ? 1.358   -6.852  -1.114  1.00 23.04 ? 19  HOH A O     1 
HETATM 326 O O     . HOH C 2 . ? 2.337   -1.043  -10.988 1.00 19.99 ? 21  HOH A O     1 
HETATM 327 O O     . HOH C 2 . ? -1.271  2.904   9.065   1.00 68.76 ? 23  HOH A O     1 
HETATM 328 O O     . HOH C 2 . ? -1.333  -6.041  -16.819 1.00 29.17 ? 24  HOH A O     1 
HETATM 329 O O     . HOH C 2 . ? 4.332   -3.457  -8.275  1.00 31.41 ? 29  HOH A O     1 
HETATM 330 O O     . HOH C 2 . ? 8.225   4.455   8.522   1.00 32.24 ? 31  HOH A O     1 
HETATM 331 O O     . HOH C 2 . ? 3.872   0.274   -4.881  1.00 25.76 ? 34  HOH A O     1 
HETATM 332 O O     . HOH C 2 . ? 2.111   5.647   3.864   1.00 42.00 ? 35  HOH A O     1 
HETATM 333 O O     . HOH C 2 . ? 4.924   -7.060  4.187   1.00 28.97 ? 36  HOH A O     1 
HETATM 334 O O     . HOH C 2 . ? 3.688   -0.680  -7.883  1.00 35.60 ? 39  HOH A O     1 
HETATM 335 O O     . HOH C 2 . ? 1.585   -4.317  -14.712 1.00 45.50 ? 40  HOH A O     1 
HETATM 336 O O     . HOH C 2 . ? 7.963   2.395   -3.394  1.00 78.74 ? 41  HOH A O     1 
HETATM 337 O O     . HOH C 2 . ? 3.056   2.310   1.645   1.00 35.80 ? 42  HOH A O     1 
HETATM 338 O O     . HOH C 2 . ? 0.464   1.448   1.547   1.00 52.29 ? 44  HOH A O     1 
HETATM 339 O O     . HOH C 2 . ? 12.207  5.539   4.592   1.00 42.64 ? 45  HOH A O     1 
HETATM 340 O O     . HOH C 2 . ? -3.874  -4.455  -16.909 1.00 30.28 ? 48  HOH A O     1 
HETATM 341 O O     . HOH C 2 . ? 1.116   -7.542  -13.898 1.00 40.15 ? 49  HOH A O     1 
HETATM 342 O O     . HOH C 2 . ? 5.838   -2.188  -5.124  1.00 38.25 ? 50  HOH A O     1 
HETATM 343 O O     . HOH C 2 . ? 4.415   6.486   2.889   1.00 77.21 ? 51  HOH A O     1 
HETATM 344 O O     . HOH C 2 . ? 3.599   -2.412  -15.187 1.00 34.66 ? 52  HOH A O     1 
HETATM 345 O O     . HOH C 2 . ? 7.634   -0.525  -4.716  1.00 46.24 ? 56  HOH A O     1 
HETATM 346 O O     . HOH C 2 . ? -3.997  10.617  8.677   1.00 57.69 ? 58  HOH A O     1 
HETATM 347 O O     . HOH C 2 . ? -0.297  7.432   6.376   1.00 56.54 ? 62  HOH A O     1 
HETATM 348 O O     . HOH C 2 . ? 6.633   -7.221  -9.919  1.00 61.58 ? 63  HOH A O     1 
HETATM 349 O O     . HOH C 2 . ? 0.324   3.383   4.611   1.00 49.06 ? 66  HOH A O     1 
HETATM 350 O O     . HOH C 2 . ? -4.492  14.287  9.302   1.00 44.93 ? 70  HOH A O     1 
HETATM 351 O O     . HOH C 2 . ? 11.305  8.058   3.184   1.00 47.75 ? 73  HOH A O     1 
HETATM 352 O O     . HOH C 2 . ? -1.155  4.834   7.104   1.00 69.73 ? 74  HOH A O     1 
HETATM 353 O O     . HOH C 2 . ? 11.113  1.336   -1.898  1.00 59.15 ? 75  HOH A O     1 
HETATM 354 O O     . HOH C 2 . ? 13.583  2.050   1.082   1.00 65.31 ? 76  HOH A O     1 
HETATM 355 O O     . HOH C 2 . ? 9.965   2.988   7.393   1.00 36.93 ? 79  HOH A O     1 
HETATM 356 O O     . HOH C 2 . ? 19.443  -12.417 -15.236 1.00 62.91 ? 83  HOH A O     1 
HETATM 357 O O     . HOH C 2 . ? 7.565   -15.376 -10.279 1.00 65.70 ? 84  HOH A O     1 
HETATM 358 O O     . HOH C 2 . ? -2.007  -7.684  -19.122 1.00 73.21 ? 85  HOH A O     1 
HETATM 359 O O     . HOH C 2 . ? 0.298   -12.621 -15.105 1.00 74.51 ? 86  HOH A O     1 
HETATM 360 O O     . HOH C 2 . ? 0.654   -9.725  -16.902 1.00 83.41 ? 87  HOH A O     1 
HETATM 361 O O     . HOH C 2 . ? 17.252  -12.834 -11.409 1.00 80.59 ? 88  HOH A O     1 
HETATM 362 O O     . HOH C 2 . ? 0.029   -10.530 -13.002 1.00 79.98 ? 89  HOH A O     1 
HETATM 363 O O     . HOH C 2 . ? 10.732  -9.156  -12.139 1.00 75.99 ? 90  HOH A O     1 
HETATM 364 O O     . HOH C 2 . ? 11.647  9.717   0.426   1.00 69.93 ? 97  HOH A O     1 
HETATM 365 O O     . HOH C 2 . ? 2.945   -4.046  -11.504 1.00 57.00 ? 99  HOH A O     1 
HETATM 366 O O     . HOH C 2 . ? 2.114   -7.601  -16.442 1.00 67.28 ? 101 HOH A O     1 
HETATM 367 O O     . HOH C 2 . ? 18.538  -10.018 -13.420 1.00 80.02 ? 105 HOH A O     1 
HETATM 368 O O     . HOH C 2 . ? 2.931   -10.337 -12.190 1.00 68.05 ? 106 HOH A O     1 
HETATM 369 O O     . HOH C 2 . ? 5.278   3.775   1.043   1.00 57.52 ? 108 HOH A O     1 
HETATM 370 O O     . HOH C 2 . ? 5.001   10.619  2.832   1.00 51.65 ? 109 HOH A O     1 
HETATM 371 O O     . HOH C 2 . ? -1.182  10.769  4.555   1.00 53.10 ? 111 HOH A O     1 
HETATM 372 O O     . HOH C 2 . ? 0.593   -3.168  -12.430 1.00 36.99 ? 113 HOH A O     1 
HETATM 373 O O     . HOH C 2 . ? 3.054   5.932   0.954   1.00 73.90 ? 115 HOH A O     1 
HETATM 374 O O     . HOH C 2 . ? 3.813   -7.446  -13.511 1.00 77.05 ? 116 HOH A O     1 
HETATM 375 O O     . HOH C 2 . ? 4.880   -7.084  -17.621 1.00 70.84 ? 120 HOH A O     1 
HETATM 376 O O     . HOH D 2 . ? -6.996  -2.472  -5.443  1.00 21.96 ? 17  HOH B O     1 
HETATM 377 O O     . HOH D 2 . ? -0.080  0.872   -1.129  1.00 28.24 ? 18  HOH B O     1 
HETATM 378 O O     . HOH D 2 . ? -6.652  -5.026  -4.679  1.00 36.45 ? 20  HOH B O     1 
HETATM 379 O O     . HOH D 2 . ? -0.565  -2.917  12.189  1.00 46.73 ? 22  HOH B O     1 
HETATM 380 O O     . HOH D 2 . ? 10.860  0.156   14.435  1.00 38.21 ? 25  HOH B O     1 
HETATM 381 O O     . HOH D 2 . ? -3.175  0.126   5.437   1.00 24.34 ? 26  HOH B O     1 
HETATM 382 O O     . HOH D 2 . ? -1.427  -0.279  11.683  1.00 29.99 ? 27  HOH B O     1 
HETATM 383 O O     . HOH D 2 . ? -0.583  6.135   -4.682  1.00 47.49 ? 28  HOH B O     1 
HETATM 384 O O     . HOH D 2 . ? -7.158  2.598   -8.855  1.00 36.31 ? 30  HOH B O     1 
HETATM 385 O O     . HOH D 2 . ? -5.102  -2.567  5.653   1.00 40.48 ? 32  HOH B O     1 
HETATM 386 O O     . HOH D 2 . ? 4.661   -5.765  6.744   1.00 14.15 ? 33  HOH B O     1 
HETATM 387 O O     . HOH D 2 . ? -5.280  2.793   -0.762  1.00 31.38 ? 37  HOH B O     1 
HETATM 388 O O     . HOH D 2 . ? 1.636   4.227   -6.501  1.00 45.23 ? 38  HOH B O     1 
HETATM 389 O O     . HOH D 2 . ? -12.950 -1.774  -0.409  1.00 50.39 ? 43  HOH B O     1 
HETATM 390 O O     . HOH D 2 . ? -8.554  4.643   -9.558  1.00 31.68 ? 46  HOH B O     1 
HETATM 391 O O     . HOH D 2 . ? 0.539   -6.882  2.098   1.00 29.75 ? 47  HOH B O     1 
HETATM 392 O O     . HOH D 2 . ? -11.714 -4.339  -0.237  1.00 56.46 ? 53  HOH B O     1 
HETATM 393 O O     . HOH D 2 . ? -2.813  1.516   -0.676  1.00 23.94 ? 54  HOH B O     1 
HETATM 394 O O     . HOH D 2 . ? -13.295 -5.812  -0.850  1.00 77.10 ? 55  HOH B O     1 
HETATM 395 O O     . HOH D 2 . ? -7.811  -4.964  7.017   1.00 51.00 ? 57  HOH B O     1 
HETATM 396 O O     . HOH D 2 . ? -2.925  -1.014  8.260   1.00 51.68 ? 59  HOH B O     1 
HETATM 397 O O     . HOH D 2 . ? -2.834  5.429   -3.254  1.00 59.44 ? 60  HOH B O     1 
HETATM 398 O O     . HOH D 2 . ? -11.826 0.246   -1.769  1.00 57.09 ? 61  HOH B O     1 
HETATM 399 O O     . HOH D 2 . ? 3.439   6.221   -9.033  1.00 42.12 ? 64  HOH B O     1 
HETATM 400 O O     . HOH D 2 . ? -2.664  -3.873  9.597   1.00 45.43 ? 65  HOH B O     1 
HETATM 401 O O     . HOH D 2 . ? 3.361   3.134   -9.047  1.00 48.59 ? 67  HOH B O     1 
HETATM 402 O O     . HOH D 2 . ? 8.597   -2.327  16.917  1.00 61.65 ? 68  HOH B O     1 
HETATM 403 O O     . HOH D 2 . ? -9.931  5.476   -7.627  1.00 24.84 ? 69  HOH B O     1 
HETATM 404 O O     . HOH D 2 . ? -2.061  -0.328  14.072  1.00 51.72 ? 71  HOH B O     1 
HETATM 405 O O     . HOH D 2 . ? 6.395   -4.249  17.737  1.00 53.59 ? 72  HOH B O     1 
HETATM 406 O O     . HOH D 2 . ? -20.001 -0.143  -2.679  1.00 46.88 ? 77  HOH B O     1 
HETATM 407 O O     . HOH D 2 . ? -19.554 -0.559  -0.020  1.00 62.88 ? 78  HOH B O     1 
HETATM 408 O O     . HOH D 2 . ? -15.706 0.038   -1.967  1.00 66.62 ? 80  HOH B O     1 
HETATM 409 O O     . HOH D 2 . ? -16.900 -0.113  0.546   1.00 78.31 ? 81  HOH B O     1 
HETATM 410 O O     . HOH D 2 . ? -14.716 -2.230  1.576   1.00 62.31 ? 82  HOH B O     1 
HETATM 411 O O     . HOH D 2 . ? -14.835 2.689   0.125   1.00 59.63 ? 91  HOH B O     1 
HETATM 412 O O     . HOH D 2 . ? -14.184 1.023   2.176   1.00 67.67 ? 92  HOH B O     1 
HETATM 413 O O     . HOH D 2 . ? -16.494 1.785   4.252   1.00 80.33 ? 93  HOH B O     1 
HETATM 414 O O     . HOH D 2 . ? -18.296 3.872   4.238   1.00 56.34 ? 94  HOH B O     1 
HETATM 415 O O     . HOH D 2 . ? -11.181 4.738   -0.053  1.00 59.16 ? 95  HOH B O     1 
HETATM 416 O O     . HOH D 2 . ? -13.647 4.157   2.109   1.00 65.50 ? 96  HOH B O     1 
HETATM 417 O O     . HOH D 2 . ? -5.094  -3.702  9.964   1.00 53.50 ? 98  HOH B O     1 
HETATM 418 O O     . HOH D 2 . ? -10.834 4.223   2.961   1.00 59.97 ? 100 HOH B O     1 
HETATM 419 O O     . HOH D 2 . ? 6.237   -6.777  14.100  1.00 59.52 ? 102 HOH B O     1 
HETATM 420 O O     . HOH D 2 . ? -18.062 -3.859  1.403   1.00 75.58 ? 103 HOH B O     1 
HETATM 421 O O     . HOH D 2 . ? -17.563 2.019   7.153   1.00 74.92 ? 104 HOH B O     1 
HETATM 422 O O     . HOH D 2 . ? -13.275 6.781   2.711   1.00 57.98 ? 107 HOH B O     1 
HETATM 423 O O     . HOH D 2 . ? -16.867 -3.174  -1.140  1.00 61.57 ? 110 HOH B O     1 
HETATM 424 O O     . HOH D 2 . ? -17.350 3.189   1.972   1.00 73.16 ? 112 HOH B O     1 
HETATM 425 O O     . HOH D 2 . ? 0.438   2.803   -3.990  1.00 65.58 ? 114 HOH B O     1 
HETATM 426 O O     . HOH D 2 . ? -19.123 -3.652  -2.616  1.00 74.53 ? 117 HOH B O     1 
HETATM 427 O O     . HOH D 2 . ? -10.335 -1.198  2.906   1.00 69.55 ? 118 HOH B O     1 
HETATM 428 O O     . HOH D 2 . ? -3.522  2.069   1.861   1.00 49.17 ? 119 HOH B O     1 
# 
